data_6PH4
#
_entry.id   6PH4
#
_cell.length_a   95.956
_cell.length_b   104.662
_cell.length_c   164.828
_cell.angle_alpha   90.00
_cell.angle_beta   90.00
_cell.angle_gamma   90.00
#
_symmetry.space_group_name_H-M   'P 21 21 21'
#
loop_
_entity.id
_entity.type
_entity.pdbx_description
1 polymer 'Blue-light-activated histidine kinase'
2 non-polymer 'CHLORIDE ION'
3 non-polymer 'FLAVIN MONONUCLEOTIDE'
4 non-polymer 'MAGNESIUM ION'
5 non-polymer 'PHOSPHOMETHYLPHOSPHONIC ACID ADENYLATE ESTER'
#
_entity_poly.entity_id   1
_entity_poly.type   'polypeptide(L)'
_entity_poly.pdbx_seq_one_letter_code
;MALSQATDPFRAAVEFTLMPMLITNPHLPDNPIVFANPAFLKLTGYEADEVMGRNCRFLQGHGTDPAHVRAIKSAIAAEK
PIDIDIINYKKSGEAFWNRLHISPVHNANGRLQHFVSSQLDVTLELSRLVELEKERKTLSIETARSKDQLDYIVEVANIG
FWTREFYSGKMTCSAECRRIYGFTPDEPVHFDTILDLVVLEDRMTVVQKAHQAVTGEPYSIEYRIVTRLGETRWLETRAK
ALTGENPLVLGIVQDVTERKKAEANKALVSREIAHRFKNSMAMVQSIANQTLRNTYDPEQANRLFSERLRALSQAHDMLL
KENWAGATIQQICATALAPFNSTFANRIHMSGPHLLVSDRVTVALSLAFYELATNAVKYGALSNEKGVINITWAIMEDKG
EKKFHMRWAESRGPEVMQPARRGFGQRLLHSVLAEELKAKCDVEFAASGLLIDVLAPITPEVFPGMGHNVPEQRIAHHHH
HH
;
_entity_poly.pdbx_strand_id   A,B
#
# COMPACT_ATOMS: atom_id res chain seq x y z
N GLN A 5 -33.10 -66.68 -11.69
CA GLN A 5 -33.72 -65.36 -11.63
C GLN A 5 -34.84 -65.31 -10.59
N ALA A 6 -34.51 -64.73 -9.43
CA ALA A 6 -35.46 -64.51 -8.34
C ALA A 6 -34.75 -63.88 -7.14
N THR A 7 -34.14 -62.71 -7.34
CA THR A 7 -33.36 -62.09 -6.27
C THR A 7 -34.27 -61.45 -5.23
N ASP A 8 -33.79 -61.39 -4.00
CA ASP A 8 -34.57 -60.90 -2.88
C ASP A 8 -34.51 -59.38 -2.83
N PRO A 9 -35.65 -58.70 -2.76
CA PRO A 9 -35.63 -57.24 -2.53
C PRO A 9 -35.17 -56.85 -1.14
N PHE A 10 -35.25 -57.75 -0.15
CA PHE A 10 -34.77 -57.43 1.19
C PHE A 10 -33.26 -57.67 1.29
N ARG A 11 -32.79 -58.83 0.84
CA ARG A 11 -31.36 -59.09 0.73
C ARG A 11 -30.66 -57.97 -0.05
N ALA A 12 -31.38 -57.31 -0.96
CA ALA A 12 -30.85 -56.18 -1.70
C ALA A 12 -31.07 -54.84 -1.01
N ALA A 13 -32.11 -54.73 -0.17
CA ALA A 13 -32.38 -53.49 0.53
C ALA A 13 -31.37 -53.18 1.62
N VAL A 14 -30.82 -54.21 2.26
CA VAL A 14 -29.74 -53.98 3.21
C VAL A 14 -28.42 -53.85 2.45
N GLU A 15 -28.24 -54.70 1.44
CA GLU A 15 -27.12 -54.68 0.51
C GLU A 15 -26.73 -53.27 0.07
N PHE A 16 -27.72 -52.38 -0.01
CA PHE A 16 -27.53 -51.07 -0.62
C PHE A 16 -27.66 -49.90 0.34
N THR A 17 -28.35 -50.08 1.46
CA THR A 17 -28.53 -48.98 2.41
C THR A 17 -27.20 -48.54 2.99
N LEU A 18 -27.15 -47.31 3.49
CA LEU A 18 -25.94 -46.76 4.07
C LEU A 18 -25.84 -46.97 5.57
N MET A 19 -26.89 -47.49 6.20
CA MET A 19 -26.83 -47.86 7.60
C MET A 19 -26.00 -49.12 7.76
N PRO A 20 -24.93 -49.12 8.55
CA PRO A 20 -24.21 -50.37 8.82
C PRO A 20 -25.13 -51.39 9.47
N MET A 21 -25.07 -52.62 8.96
CA MET A 21 -25.97 -53.68 9.42
C MET A 21 -25.20 -54.99 9.54
N LEU A 22 -25.55 -55.79 10.55
CA LEU A 22 -24.92 -57.07 10.81
C LEU A 22 -25.99 -58.11 11.09
N ILE A 23 -25.71 -59.34 10.65
CA ILE A 23 -26.56 -60.49 10.94
C ILE A 23 -25.66 -61.61 11.44
N THR A 24 -25.85 -62.01 12.70
CA THR A 24 -25.00 -63.03 13.31
C THR A 24 -25.79 -64.31 13.52
N ASN A 25 -25.07 -65.37 13.86
CA ASN A 25 -25.55 -66.75 13.75
C ASN A 25 -25.28 -67.47 15.07
N PRO A 26 -26.14 -67.27 16.07
CA PRO A 26 -25.88 -67.86 17.40
C PRO A 26 -25.81 -69.36 17.41
N HIS A 27 -26.43 -70.05 16.44
CA HIS A 27 -26.32 -71.51 16.33
C HIS A 27 -25.01 -71.95 15.68
N LEU A 28 -23.95 -71.18 15.90
CA LEU A 28 -22.60 -71.47 15.46
C LEU A 28 -21.67 -71.10 16.61
N PRO A 29 -20.46 -71.67 16.65
CA PRO A 29 -19.53 -71.32 17.72
C PRO A 29 -19.21 -69.83 17.68
N ASP A 30 -19.14 -69.23 18.88
CA ASP A 30 -18.72 -67.86 19.17
C ASP A 30 -19.78 -66.83 18.76
N ASN A 31 -20.85 -67.25 18.06
CA ASN A 31 -21.90 -66.36 17.54
C ASN A 31 -21.26 -65.38 16.57
N PRO A 32 -20.78 -65.84 15.42
CA PRO A 32 -19.97 -64.99 14.53
C PRO A 32 -20.83 -64.20 13.56
N ILE A 33 -20.17 -63.40 12.72
CA ILE A 33 -20.85 -62.58 11.73
C ILE A 33 -20.93 -63.37 10.43
N VAL A 34 -22.15 -63.56 9.92
CA VAL A 34 -22.36 -64.20 8.63
C VAL A 34 -22.91 -63.24 7.59
N PHE A 35 -23.10 -61.97 7.94
CA PHE A 35 -23.41 -60.94 6.96
C PHE A 35 -23.00 -59.57 7.48
N ALA A 36 -22.46 -58.76 6.59
CA ALA A 36 -22.13 -57.37 6.89
C ALA A 36 -22.31 -56.58 5.60
N ASN A 37 -23.23 -55.61 5.62
CA ASN A 37 -23.42 -54.77 4.44
C ASN A 37 -22.18 -53.94 4.18
N PRO A 38 -21.93 -53.56 2.92
CA PRO A 38 -20.81 -52.64 2.63
C PRO A 38 -20.85 -51.36 3.46
N ALA A 39 -22.01 -50.96 3.97
CA ALA A 39 -22.09 -49.84 4.90
C ALA A 39 -21.41 -50.16 6.23
N PHE A 40 -21.01 -51.40 6.46
CA PHE A 40 -20.19 -51.79 7.61
C PHE A 40 -18.70 -51.74 7.29
N LEU A 41 -18.30 -52.28 6.13
CA LEU A 41 -16.90 -52.23 5.72
C LEU A 41 -16.42 -50.82 5.42
N LYS A 42 -17.34 -49.86 5.29
CA LYS A 42 -16.95 -48.45 5.24
C LYS A 42 -16.76 -47.90 6.65
N LEU A 43 -17.69 -48.23 7.55
CA LEU A 43 -17.62 -47.73 8.93
C LEU A 43 -16.37 -48.21 9.65
N THR A 44 -15.87 -49.40 9.30
CA THR A 44 -14.71 -49.98 9.96
C THR A 44 -13.52 -50.20 9.03
N GLY A 45 -13.65 -49.86 7.75
CA GLY A 45 -12.51 -49.91 6.84
C GLY A 45 -11.86 -51.26 6.66
N TYR A 46 -12.51 -52.33 7.14
CA TYR A 46 -11.99 -53.68 6.97
C TYR A 46 -12.42 -54.24 5.62
N GLU A 47 -11.66 -55.20 5.14
CA GLU A 47 -11.99 -55.86 3.89
C GLU A 47 -13.09 -56.91 4.13
N ALA A 48 -13.54 -57.52 3.04
CA ALA A 48 -14.62 -58.49 3.10
C ALA A 48 -14.25 -59.69 3.97
N ASP A 49 -13.18 -60.39 3.57
CA ASP A 49 -12.74 -61.61 4.24
C ASP A 49 -12.25 -61.37 5.66
N GLU A 50 -12.43 -60.16 6.19
CA GLU A 50 -11.88 -59.78 7.47
C GLU A 50 -12.93 -59.63 8.56
N VAL A 51 -14.20 -59.90 8.28
CA VAL A 51 -15.26 -59.74 9.27
C VAL A 51 -16.22 -60.91 9.19
N MET A 52 -16.00 -61.82 8.24
CA MET A 52 -16.85 -62.99 8.08
C MET A 52 -16.34 -64.13 8.95
N GLY A 53 -17.26 -64.76 9.68
CA GLY A 53 -16.91 -65.86 10.56
C GLY A 53 -16.01 -65.47 11.73
N ARG A 54 -16.22 -64.29 12.29
CA ARG A 54 -15.46 -63.81 13.43
C ARG A 54 -16.40 -62.96 14.27
N ASN A 55 -16.41 -63.19 15.59
CA ASN A 55 -17.38 -62.52 16.45
C ASN A 55 -17.20 -61.00 16.36
N CYS A 56 -18.32 -60.29 16.53
CA CYS A 56 -18.31 -58.83 16.61
C CYS A 56 -17.42 -58.30 17.73
N ARG A 57 -16.85 -59.18 18.55
CA ARG A 57 -15.97 -58.75 19.64
C ARG A 57 -14.77 -57.99 19.12
N PHE A 58 -14.22 -58.41 17.98
CA PHE A 58 -12.90 -57.97 17.55
C PHE A 58 -12.82 -56.47 17.26
N LEU A 59 -13.96 -55.77 17.18
CA LEU A 59 -13.94 -54.32 17.03
C LEU A 59 -13.69 -53.59 18.35
N GLN A 60 -13.76 -54.29 19.48
CA GLN A 60 -13.53 -53.67 20.78
C GLN A 60 -12.05 -53.42 21.00
N GLY A 61 -11.74 -52.76 22.11
CA GLY A 61 -10.35 -52.47 22.36
C GLY A 61 -10.08 -51.91 23.75
N HIS A 62 -8.86 -51.39 23.88
CA HIS A 62 -8.24 -51.04 25.16
C HIS A 62 -8.99 -49.96 25.93
N GLY A 63 -9.85 -49.18 25.28
CA GLY A 63 -10.55 -48.12 25.99
C GLY A 63 -12.03 -48.37 26.13
N THR A 64 -12.42 -49.63 25.96
CA THR A 64 -13.84 -50.01 26.00
C THR A 64 -14.25 -50.22 27.45
N ASP A 65 -15.19 -49.38 27.92
CA ASP A 65 -15.77 -49.51 29.24
C ASP A 65 -16.34 -50.92 29.38
N PRO A 66 -15.76 -51.75 30.25
CA PRO A 66 -16.20 -53.15 30.32
C PRO A 66 -17.61 -53.33 30.86
N ALA A 67 -18.09 -52.41 31.69
CA ALA A 67 -19.47 -52.47 32.15
C ALA A 67 -20.46 -52.34 30.99
N HIS A 68 -20.03 -51.74 29.87
CA HIS A 68 -20.84 -51.78 28.66
C HIS A 68 -20.87 -53.18 28.06
N VAL A 69 -19.69 -53.75 27.83
CA VAL A 69 -19.55 -55.09 27.28
C VAL A 69 -20.28 -56.12 28.12
N ARG A 70 -20.50 -55.83 29.40
CA ARG A 70 -21.24 -56.76 30.26
C ARG A 70 -22.72 -56.80 29.89
N ALA A 71 -23.37 -55.63 29.88
CA ALA A 71 -24.78 -55.54 29.53
C ALA A 71 -25.04 -55.99 28.10
N ILE A 72 -24.05 -55.89 27.22
CA ILE A 72 -24.20 -56.40 25.86
C ILE A 72 -24.14 -57.93 25.88
N LYS A 73 -23.12 -58.48 26.54
CA LYS A 73 -23.03 -59.92 26.73
C LYS A 73 -24.26 -60.46 27.48
N SER A 74 -24.84 -59.65 28.36
CA SER A 74 -26.00 -60.10 29.14
C SER A 74 -27.24 -60.19 28.28
N ALA A 75 -27.51 -59.14 27.49
CA ALA A 75 -28.69 -59.14 26.62
C ALA A 75 -28.62 -60.24 25.58
N ILE A 76 -27.43 -60.48 25.03
CA ILE A 76 -27.22 -61.57 24.07
C ILE A 76 -27.65 -62.89 24.70
N ALA A 77 -27.26 -63.09 25.96
CA ALA A 77 -27.57 -64.35 26.65
C ALA A 77 -29.07 -64.52 26.84
N ALA A 78 -29.77 -63.46 27.23
CA ALA A 78 -31.19 -63.51 27.54
C ALA A 78 -32.08 -63.25 26.33
N GLU A 79 -31.50 -63.16 25.13
CA GLU A 79 -32.26 -62.98 23.88
C GLU A 79 -33.07 -61.69 23.89
N LYS A 80 -32.54 -60.65 24.51
CA LYS A 80 -33.20 -59.34 24.55
C LYS A 80 -32.57 -58.40 23.54
N PRO A 81 -33.29 -57.37 23.12
CA PRO A 81 -32.66 -56.29 22.34
C PRO A 81 -31.91 -55.33 23.26
N ILE A 82 -30.91 -54.67 22.69
CA ILE A 82 -30.10 -53.69 23.42
C ILE A 82 -29.82 -52.50 22.51
N ASP A 83 -29.82 -51.31 23.10
CA ASP A 83 -29.56 -50.05 22.40
C ASP A 83 -28.54 -49.29 23.25
N ILE A 84 -27.26 -49.37 22.89
CA ILE A 84 -26.18 -48.91 23.77
C ILE A 84 -25.05 -48.33 22.94
N ASP A 85 -24.28 -47.43 23.55
CA ASP A 85 -23.09 -46.85 22.97
C ASP A 85 -21.85 -47.52 23.55
N ILE A 86 -20.81 -47.67 22.74
CA ILE A 86 -19.63 -48.40 23.16
C ILE A 86 -18.45 -47.93 22.31
N ILE A 87 -17.29 -47.78 22.95
CA ILE A 87 -16.09 -47.34 22.26
C ILE A 87 -15.47 -48.52 21.52
N ASN A 88 -15.45 -48.44 20.19
CA ASN A 88 -14.81 -49.44 19.35
C ASN A 88 -13.75 -48.76 18.49
N TYR A 89 -12.98 -49.59 17.77
CA TYR A 89 -11.80 -49.12 17.06
C TYR A 89 -11.82 -49.60 15.62
N LYS A 90 -11.56 -48.68 14.70
CA LYS A 90 -11.50 -48.99 13.28
C LYS A 90 -10.22 -49.80 12.97
N LYS A 91 -10.08 -50.21 11.71
CA LYS A 91 -8.87 -50.88 11.29
C LYS A 91 -7.66 -49.95 11.33
N SER A 92 -7.88 -48.66 11.09
CA SER A 92 -6.83 -47.67 11.31
C SER A 92 -6.40 -47.67 12.77
N GLY A 93 -7.34 -47.39 13.66
CA GLY A 93 -7.08 -47.34 15.08
C GLY A 93 -7.86 -46.22 15.75
N GLU A 94 -8.72 -45.59 14.96
CA GLU A 94 -9.45 -44.40 15.40
C GLU A 94 -10.35 -44.72 16.59
N ALA A 95 -10.32 -43.84 17.59
CA ALA A 95 -11.08 -44.02 18.81
C ALA A 95 -12.44 -43.36 18.63
N PHE A 96 -13.45 -44.16 18.30
CA PHE A 96 -14.76 -43.64 17.91
C PHE A 96 -15.86 -44.34 18.69
N TRP A 97 -16.86 -43.56 19.09
CA TRP A 97 -18.05 -44.08 19.73
C TRP A 97 -18.88 -44.89 18.73
N ASN A 98 -19.47 -45.99 19.19
CA ASN A 98 -20.27 -46.86 18.34
C ASN A 98 -21.61 -47.10 19.01
N ARG A 99 -22.70 -46.78 18.31
CA ARG A 99 -24.06 -46.95 18.82
C ARG A 99 -24.59 -48.29 18.33
N LEU A 100 -24.64 -49.26 19.24
CA LEU A 100 -25.10 -50.61 18.90
C LEU A 100 -26.62 -50.68 19.07
N HIS A 101 -27.31 -51.00 17.98
CA HIS A 101 -28.75 -51.21 17.97
C HIS A 101 -28.98 -52.68 17.57
N ILE A 102 -29.17 -53.53 18.56
CA ILE A 102 -29.12 -54.98 18.39
C ILE A 102 -30.50 -55.56 18.66
N SER A 103 -30.92 -56.51 17.81
CA SER A 103 -32.23 -57.14 17.93
C SER A 103 -32.12 -58.64 17.75
N PRO A 104 -32.93 -59.42 18.46
CA PRO A 104 -32.98 -60.86 18.23
C PRO A 104 -34.00 -61.25 17.16
N VAL A 105 -33.71 -62.36 16.49
CA VAL A 105 -34.58 -62.91 15.45
C VAL A 105 -35.12 -64.24 15.95
N HIS A 106 -36.39 -64.27 16.33
CA HIS A 106 -37.03 -65.47 16.86
C HIS A 106 -37.82 -66.15 15.73
N ASN A 107 -37.54 -67.42 15.50
CA ASN A 107 -38.15 -68.14 14.40
C ASN A 107 -39.63 -68.42 14.70
N ALA A 108 -40.27 -69.17 13.80
CA ALA A 108 -41.71 -69.37 13.83
C ALA A 108 -42.21 -70.07 15.10
N ASN A 109 -41.32 -70.51 15.98
CA ASN A 109 -41.73 -71.11 17.24
C ASN A 109 -41.43 -70.25 18.45
N GLY A 110 -40.66 -69.17 18.28
CA GLY A 110 -40.13 -68.42 19.40
C GLY A 110 -38.72 -68.84 19.80
N ARG A 111 -37.93 -69.35 18.86
CA ARG A 111 -36.64 -69.95 19.14
C ARG A 111 -35.56 -69.09 18.49
N LEU A 112 -34.66 -68.56 19.31
CA LEU A 112 -33.59 -67.68 18.84
C LEU A 112 -32.81 -68.33 17.72
N GLN A 113 -32.92 -67.73 16.53
CA GLN A 113 -32.27 -68.23 15.31
C GLN A 113 -31.16 -67.34 14.77
N HIS A 114 -31.18 -66.05 15.08
CA HIS A 114 -30.31 -65.08 14.40
C HIS A 114 -30.29 -63.81 15.24
N PHE A 115 -29.23 -63.02 15.09
CA PHE A 115 -29.12 -61.73 15.74
C PHE A 115 -28.82 -60.69 14.67
N VAL A 116 -29.49 -59.53 14.76
CA VAL A 116 -29.32 -58.46 13.80
C VAL A 116 -28.93 -57.19 14.54
N SER A 117 -28.20 -56.31 13.86
CA SER A 117 -27.77 -55.05 14.46
C SER A 117 -27.62 -53.99 13.39
N SER A 118 -28.06 -52.77 13.72
CA SER A 118 -27.84 -51.60 12.88
C SER A 118 -26.87 -50.70 13.61
N GLN A 119 -25.67 -50.55 13.07
CA GLN A 119 -24.64 -49.75 13.71
C GLN A 119 -24.77 -48.29 13.31
N LEU A 120 -24.58 -47.41 14.28
CA LEU A 120 -24.68 -45.96 14.06
C LEU A 120 -23.45 -45.31 14.67
N ASP A 121 -22.68 -44.60 13.84
CA ASP A 121 -21.53 -43.88 14.34
C ASP A 121 -21.99 -42.55 14.90
N VAL A 122 -21.73 -42.32 16.17
CA VAL A 122 -22.03 -41.05 16.82
C VAL A 122 -20.77 -40.23 17.01
N THR A 123 -19.73 -40.49 16.21
CA THR A 123 -18.57 -39.62 16.11
C THR A 123 -18.60 -38.80 14.82
N LEU A 124 -18.99 -39.41 13.70
CA LEU A 124 -19.20 -38.64 12.47
C LEU A 124 -20.47 -37.81 12.56
N GLU A 125 -21.44 -38.23 13.38
CA GLU A 125 -22.67 -37.45 13.55
C GLU A 125 -22.47 -36.31 14.55
N LEU A 126 -21.91 -36.61 15.71
CA LEU A 126 -21.71 -35.63 16.77
C LEU A 126 -20.57 -34.67 16.46
N SER A 127 -19.90 -34.82 15.32
CA SER A 127 -18.83 -33.90 14.93
C SER A 127 -19.21 -32.94 13.84
N ARG A 128 -20.17 -33.29 12.97
CA ARG A 128 -20.59 -32.38 11.91
C ARG A 128 -21.13 -31.07 12.47
N LEU A 129 -21.61 -31.09 13.72
CA LEU A 129 -21.96 -29.85 14.40
C LEU A 129 -20.72 -29.01 14.71
N VAL A 130 -19.53 -29.61 14.64
CA VAL A 130 -18.27 -28.89 14.86
C VAL A 130 -17.37 -29.12 13.65
N GLU A 131 -17.91 -29.75 12.60
CA GLU A 131 -17.18 -29.83 11.34
C GLU A 131 -17.45 -28.64 10.43
N LEU A 132 -18.61 -28.00 10.57
CA LEU A 132 -18.88 -26.75 9.88
C LEU A 132 -18.94 -25.55 10.82
N GLU A 133 -18.99 -25.77 12.14
CA GLU A 133 -18.67 -24.71 13.08
C GLU A 133 -17.23 -24.23 12.89
N LYS A 134 -16.38 -25.07 12.29
CA LYS A 134 -15.08 -24.68 11.78
C LYS A 134 -15.11 -24.24 10.33
N GLU A 135 -16.31 -24.13 9.75
CA GLU A 135 -16.50 -23.57 8.41
C GLU A 135 -17.14 -22.19 8.44
N ARG A 136 -18.03 -21.95 9.41
CA ARG A 136 -18.57 -20.62 9.64
C ARG A 136 -17.48 -19.61 9.98
N LYS A 137 -16.31 -20.08 10.42
CA LYS A 137 -15.21 -19.20 10.77
C LYS A 137 -14.10 -19.17 9.73
N THR A 138 -14.05 -20.13 8.81
CA THR A 138 -13.19 -19.97 7.65
C THR A 138 -13.66 -18.80 6.79
N LEU A 139 -14.98 -18.63 6.68
CA LEU A 139 -15.56 -17.54 5.91
C LEU A 139 -15.71 -16.25 6.72
N SER A 140 -15.55 -16.32 8.04
CA SER A 140 -15.38 -15.11 8.85
C SER A 140 -13.93 -14.65 8.90
N ILE A 141 -13.02 -15.44 8.32
CA ILE A 141 -11.59 -15.14 8.34
C ILE A 141 -11.19 -14.59 6.97
N GLU A 142 -11.85 -15.04 5.90
CA GLU A 142 -11.66 -14.40 4.61
C GLU A 142 -12.13 -12.95 4.63
N THR A 143 -13.18 -12.64 5.40
CA THR A 143 -13.62 -11.25 5.52
C THR A 143 -12.57 -10.40 6.20
N ALA A 144 -12.12 -10.82 7.40
CA ALA A 144 -11.07 -10.11 8.10
C ALA A 144 -9.75 -10.12 7.35
N ARG A 145 -9.54 -11.10 6.48
CA ARG A 145 -8.34 -11.12 5.66
C ARG A 145 -8.33 -9.96 4.66
N SER A 146 -9.50 -9.57 4.16
CA SER A 146 -9.59 -8.53 3.13
C SER A 146 -9.55 -7.13 3.71
N LYS A 147 -10.16 -6.90 4.87
CA LYS A 147 -9.97 -5.63 5.56
C LYS A 147 -8.51 -5.46 5.97
N ASP A 148 -7.79 -6.56 6.16
CA ASP A 148 -6.37 -6.50 6.48
C ASP A 148 -5.54 -6.12 5.25
N GLN A 149 -5.74 -6.82 4.14
CA GLN A 149 -4.97 -6.56 2.92
C GLN A 149 -5.09 -5.11 2.49
N LEU A 150 -6.21 -4.46 2.82
CA LEU A 150 -6.35 -3.01 2.67
C LEU A 150 -5.34 -2.30 3.55
N ASP A 151 -5.49 -2.47 4.87
CA ASP A 151 -4.57 -1.93 5.88
C ASP A 151 -3.12 -2.18 5.50
N TYR A 152 -2.87 -3.34 4.88
CA TYR A 152 -1.51 -3.72 4.51
C TYR A 152 -0.98 -2.86 3.36
N ILE A 153 -1.83 -2.56 2.38
CA ILE A 153 -1.41 -1.73 1.26
C ILE A 153 -1.25 -0.27 1.69
N VAL A 154 -2.15 0.21 2.55
CA VAL A 154 -2.05 1.59 3.03
C VAL A 154 -0.73 1.82 3.74
N GLU A 155 -0.24 0.82 4.46
CA GLU A 155 1.06 0.90 5.13
C GLU A 155 2.21 0.93 4.15
N VAL A 156 2.38 -0.15 3.38
CA VAL A 156 3.57 -0.34 2.54
C VAL A 156 3.69 0.78 1.51
N ALA A 157 2.57 1.29 1.02
CA ALA A 157 2.57 2.42 0.09
C ALA A 157 2.57 3.76 0.81
N ASN A 158 2.68 3.76 2.14
CA ASN A 158 2.56 4.94 3.00
C ASN A 158 1.56 5.95 2.44
N ILE A 159 0.28 5.69 2.64
CA ILE A 159 -0.80 6.48 2.06
C ILE A 159 -1.61 7.07 3.19
N GLY A 160 -1.87 8.38 3.11
CA GLY A 160 -2.74 9.03 4.06
C GLY A 160 -4.21 8.79 3.74
N PHE A 161 -4.83 7.85 4.45
CA PHE A 161 -6.18 7.40 4.17
C PHE A 161 -7.10 7.73 5.33
N TRP A 162 -8.33 8.14 5.00
CA TRP A 162 -9.33 8.46 6.01
C TRP A 162 -10.70 8.01 5.52
N THR A 163 -11.57 7.69 6.47
CA THR A 163 -12.92 7.19 6.17
C THR A 163 -13.91 7.87 7.13
N ARG A 164 -14.81 8.69 6.60
CA ARG A 164 -15.85 9.31 7.41
C ARG A 164 -17.19 8.62 7.12
N GLU A 165 -17.69 7.90 8.12
CA GLU A 165 -19.04 7.34 8.06
C GLU A 165 -20.03 8.49 7.90
N PHE A 166 -20.80 8.46 6.80
CA PHE A 166 -21.59 9.64 6.45
C PHE A 166 -22.72 9.88 7.45
N TYR A 167 -23.43 8.83 7.85
CA TYR A 167 -24.49 8.99 8.84
C TYR A 167 -23.93 9.27 10.22
N SER A 168 -23.10 8.36 10.74
CA SER A 168 -22.66 8.45 12.13
C SER A 168 -21.68 9.60 12.33
N GLY A 169 -20.75 9.78 11.40
CA GLY A 169 -19.67 10.72 11.59
C GLY A 169 -18.42 10.11 12.18
N LYS A 170 -18.36 8.79 12.31
CA LYS A 170 -17.15 8.14 12.76
C LYS A 170 -16.05 8.26 11.72
N MET A 171 -14.81 8.37 12.19
CA MET A 171 -13.66 8.48 11.31
C MET A 171 -12.59 7.46 11.72
N THR A 172 -11.88 6.97 10.72
CA THR A 172 -10.65 6.23 10.89
C THR A 172 -9.57 6.95 10.10
N CYS A 173 -8.37 7.03 10.68
CA CYS A 173 -7.26 7.74 10.05
C CYS A 173 -6.09 6.78 9.93
N SER A 174 -5.57 6.62 8.71
CA SER A 174 -4.38 5.82 8.50
C SER A 174 -3.19 6.46 9.21
N ALA A 175 -2.09 5.69 9.27
CA ALA A 175 -0.88 6.18 9.93
C ALA A 175 -0.36 7.45 9.26
N GLU A 176 -0.11 7.37 7.94
CA GLU A 176 0.42 8.53 7.22
C GLU A 176 -0.53 9.71 7.26
N CYS A 177 -1.84 9.44 7.25
CA CYS A 177 -2.81 10.52 7.39
C CYS A 177 -2.66 11.22 8.73
N ARG A 178 -2.39 10.46 9.79
CA ARG A 178 -2.20 11.05 11.11
C ARG A 178 -0.85 11.73 11.24
N ARG A 179 0.13 11.34 10.41
CA ARG A 179 1.41 12.03 10.40
C ARG A 179 1.38 13.32 9.60
N ILE A 180 0.52 13.38 8.56
CA ILE A 180 0.43 14.58 7.74
C ILE A 180 -0.18 15.71 8.54
N TYR A 181 -1.37 15.49 9.10
CA TYR A 181 -1.81 16.35 10.19
C TYR A 181 -0.90 16.14 11.40
N GLY A 182 -1.06 16.99 12.41
CA GLY A 182 -0.27 16.84 13.61
C GLY A 182 -0.95 15.95 14.63
N PHE A 183 -1.15 14.68 14.28
CA PHE A 183 -2.04 13.80 15.03
C PHE A 183 -1.27 12.67 15.70
N THR A 184 -1.68 12.36 16.94
CA THR A 184 -1.25 11.25 17.77
C THR A 184 -1.40 9.93 17.01
N PRO A 185 -0.52 8.95 17.26
CA PRO A 185 -0.68 7.64 16.59
C PRO A 185 -2.04 6.98 16.80
N ASP A 186 -2.80 7.34 17.85
CA ASP A 186 -4.06 6.67 18.10
C ASP A 186 -5.14 7.55 18.73
N GLU A 187 -5.08 8.87 18.58
CA GLU A 187 -6.10 9.72 19.17
C GLU A 187 -7.39 9.66 18.33
N PRO A 188 -8.55 9.83 18.97
CA PRO A 188 -9.83 9.76 18.25
C PRO A 188 -10.06 10.96 17.36
N VAL A 189 -10.06 10.73 16.05
CA VAL A 189 -10.28 11.79 15.05
C VAL A 189 -11.75 11.85 14.69
N HIS A 190 -12.27 13.06 14.57
CA HIS A 190 -13.55 13.30 13.92
C HIS A 190 -13.38 14.47 12.96
N PHE A 191 -14.47 15.20 12.66
CA PHE A 191 -14.34 16.33 11.76
C PHE A 191 -13.76 17.55 12.46
N ASP A 192 -14.04 17.70 13.77
CA ASP A 192 -13.49 18.81 14.54
C ASP A 192 -11.97 18.82 14.48
N THR A 193 -11.36 17.69 14.85
CA THR A 193 -9.90 17.61 14.95
C THR A 193 -9.22 17.98 13.64
N ILE A 194 -9.90 17.80 12.51
CA ILE A 194 -9.35 18.20 11.23
C ILE A 194 -9.65 19.66 10.92
N LEU A 195 -10.82 20.17 11.35
CA LEU A 195 -11.16 21.56 11.08
C LEU A 195 -10.45 22.51 12.02
N ASP A 196 -10.25 22.12 13.28
CA ASP A 196 -9.54 22.98 14.24
C ASP A 196 -8.12 23.28 13.81
N LEU A 197 -7.57 22.55 12.84
CA LEU A 197 -6.27 22.86 12.27
C LEU A 197 -6.37 23.69 11.00
N VAL A 198 -7.54 23.72 10.35
CA VAL A 198 -7.72 24.52 9.13
C VAL A 198 -7.59 25.99 9.47
N VAL A 199 -6.96 26.75 8.56
CA VAL A 199 -6.87 28.19 8.73
C VAL A 199 -8.23 28.82 8.47
N LEU A 200 -8.53 29.88 9.21
CA LEU A 200 -9.82 30.56 9.18
C LEU A 200 -10.32 30.83 7.77
N GLU A 201 -9.41 31.19 6.87
CA GLU A 201 -9.78 31.59 5.51
C GLU A 201 -10.08 30.41 4.60
N ASP A 202 -10.00 29.17 5.10
CA ASP A 202 -10.29 27.99 4.28
C ASP A 202 -11.36 27.09 4.88
N ARG A 203 -11.93 27.45 6.02
CA ARG A 203 -12.91 26.58 6.69
C ARG A 203 -14.16 26.38 5.85
N MET A 204 -14.67 27.46 5.25
CA MET A 204 -15.88 27.37 4.45
C MET A 204 -15.70 26.38 3.30
N THR A 205 -14.54 26.42 2.63
CA THR A 205 -14.30 25.51 1.52
C THR A 205 -14.23 24.06 1.98
N VAL A 206 -13.54 23.82 3.10
CA VAL A 206 -13.50 22.47 3.68
C VAL A 206 -14.92 22.01 4.02
N VAL A 207 -15.71 22.89 4.64
CA VAL A 207 -17.06 22.54 5.04
C VAL A 207 -17.96 22.38 3.82
N GLN A 208 -17.86 23.31 2.86
CA GLN A 208 -18.81 23.36 1.76
C GLN A 208 -18.87 22.04 0.99
N LYS A 209 -17.71 21.44 0.74
CA LYS A 209 -17.65 20.20 -0.01
C LYS A 209 -17.53 18.97 0.90
N ALA A 210 -17.51 19.16 2.21
CA ALA A 210 -17.68 18.04 3.13
C ALA A 210 -19.15 17.67 3.30
N HIS A 211 -20.05 18.63 3.09
CA HIS A 211 -21.47 18.34 2.96
C HIS A 211 -21.88 18.07 1.52
N GLN A 212 -21.05 18.44 0.56
CA GLN A 212 -21.24 18.13 -0.85
C GLN A 212 -20.71 16.76 -1.21
N ALA A 213 -20.31 15.96 -0.24
CA ALA A 213 -19.82 14.60 -0.46
C ALA A 213 -20.94 13.56 -0.42
N VAL A 214 -22.17 13.97 -0.13
CA VAL A 214 -23.27 13.01 0.00
C VAL A 214 -23.56 12.33 -1.33
N THR A 215 -23.45 13.06 -2.43
CA THR A 215 -23.95 12.61 -3.73
C THR A 215 -22.94 11.82 -4.54
N GLY A 216 -22.14 10.97 -3.90
CA GLY A 216 -21.16 10.14 -4.57
C GLY A 216 -20.38 10.83 -5.66
N GLU A 217 -20.04 12.10 -5.44
CA GLU A 217 -19.49 12.97 -6.48
C GLU A 217 -18.05 13.29 -6.10
N PRO A 218 -17.06 12.61 -6.68
CA PRO A 218 -15.68 12.75 -6.20
C PRO A 218 -15.16 14.18 -6.37
N TYR A 219 -14.43 14.64 -5.36
CA TYR A 219 -14.03 16.04 -5.27
C TYR A 219 -12.62 16.15 -4.72
N SER A 220 -11.91 17.18 -5.18
CA SER A 220 -10.56 17.49 -4.74
C SER A 220 -10.55 18.87 -4.09
N ILE A 221 -9.76 19.04 -3.04
CA ILE A 221 -9.73 20.28 -2.26
C ILE A 221 -8.32 20.51 -1.77
N GLU A 222 -7.88 21.76 -1.83
CA GLU A 222 -6.62 22.18 -1.24
C GLU A 222 -6.89 23.21 -0.15
N TYR A 223 -6.17 23.08 0.96
CA TYR A 223 -6.37 23.95 2.11
C TYR A 223 -5.13 23.87 3.01
N ARG A 224 -4.95 24.90 3.82
CA ARG A 224 -3.81 24.98 4.73
C ARG A 224 -4.23 24.59 6.13
N ILE A 225 -3.36 23.87 6.84
CA ILE A 225 -3.52 23.58 8.24
C ILE A 225 -2.29 24.07 8.98
N VAL A 226 -2.51 24.65 10.16
CA VAL A 226 -1.44 25.00 11.09
C VAL A 226 -1.35 23.85 12.08
N THR A 227 -0.27 23.07 12.00
CA THR A 227 -0.11 21.88 12.82
C THR A 227 -0.07 22.27 14.30
N ARG A 228 -0.14 21.25 15.15
CA ARG A 228 -0.13 21.49 16.60
C ARG A 228 1.19 22.09 17.07
N LEU A 229 2.28 21.82 16.36
CA LEU A 229 3.58 22.33 16.75
C LEU A 229 3.90 23.70 16.17
N GLY A 230 3.07 24.21 15.26
CA GLY A 230 3.28 25.51 14.66
C GLY A 230 3.60 25.48 13.17
N GLU A 231 3.88 24.32 12.60
CA GLU A 231 4.14 24.23 11.16
C GLU A 231 2.87 24.50 10.36
N THR A 232 3.02 25.24 9.26
CA THR A 232 1.93 25.46 8.32
C THR A 232 2.09 24.50 7.15
N ARG A 233 0.98 23.87 6.73
CA ARG A 233 1.05 22.84 5.72
C ARG A 233 -0.12 22.93 4.75
N TRP A 234 0.18 22.70 3.47
CA TRP A 234 -0.82 22.59 2.41
C TRP A 234 -1.16 21.13 2.16
N LEU A 235 -2.44 20.83 2.04
CA LEU A 235 -2.90 19.45 1.83
C LEU A 235 -3.90 19.40 0.69
N GLU A 236 -3.71 18.44 -0.21
CA GLU A 236 -4.70 18.14 -1.25
C GLU A 236 -5.46 16.89 -0.83
N THR A 237 -6.77 17.03 -0.63
CA THR A 237 -7.64 15.93 -0.24
C THR A 237 -8.51 15.54 -1.43
N ARG A 238 -8.41 14.28 -1.85
CA ARG A 238 -9.29 13.71 -2.87
C ARG A 238 -10.17 12.67 -2.19
N ALA A 239 -11.48 12.88 -2.25
CA ALA A 239 -12.42 12.05 -1.51
C ALA A 239 -13.55 11.60 -2.43
N LYS A 240 -14.43 10.76 -1.87
CA LYS A 240 -15.57 10.23 -2.60
C LYS A 240 -16.57 9.69 -1.58
N ALA A 241 -17.62 9.05 -2.07
CA ALA A 241 -18.65 8.46 -1.21
C ALA A 241 -19.11 7.14 -1.80
N LEU A 242 -18.85 6.04 -1.08
CA LEU A 242 -19.42 4.75 -1.42
C LEU A 242 -20.81 4.66 -0.81
N THR A 243 -21.82 4.46 -1.65
CA THR A 243 -23.22 4.41 -1.21
C THR A 243 -23.64 2.94 -1.15
N GLY A 244 -23.46 2.33 0.01
CA GLY A 244 -23.96 1.00 0.27
C GLY A 244 -25.07 1.02 1.28
N GLU A 245 -24.98 0.16 2.31
CA GLU A 245 -25.92 0.23 3.43
C GLU A 245 -25.76 1.57 4.14
N ASN A 246 -24.74 1.69 4.99
CA ASN A 246 -24.36 2.99 5.52
C ASN A 246 -23.23 3.56 4.66
N PRO A 247 -23.39 4.75 4.08
CA PRO A 247 -22.37 5.25 3.15
C PRO A 247 -21.07 5.60 3.88
N LEU A 248 -19.97 5.04 3.39
CA LEU A 248 -18.63 5.45 3.81
C LEU A 248 -18.10 6.48 2.84
N VAL A 249 -17.61 7.60 3.38
CA VAL A 249 -16.89 8.59 2.59
C VAL A 249 -15.43 8.17 2.56
N LEU A 250 -14.92 7.86 1.38
CA LEU A 250 -13.54 7.49 1.18
C LEU A 250 -12.74 8.71 0.74
N GLY A 251 -11.56 8.90 1.33
CA GLY A 251 -10.74 10.06 1.01
C GLY A 251 -9.28 9.78 1.22
N ILE A 252 -8.46 10.43 0.39
CA ILE A 252 -7.01 10.40 0.51
C ILE A 252 -6.52 11.82 0.72
N VAL A 253 -5.36 11.95 1.37
CA VAL A 253 -4.77 13.25 1.63
C VAL A 253 -3.26 13.10 1.58
N GLN A 254 -2.59 14.10 0.99
CA GLN A 254 -1.14 14.10 0.88
C GLN A 254 -0.62 15.51 1.13
N ASP A 255 0.58 15.58 1.70
CA ASP A 255 1.20 16.86 2.01
C ASP A 255 1.78 17.47 0.73
N VAL A 256 1.27 18.63 0.35
CA VAL A 256 1.74 19.32 -0.84
C VAL A 256 2.45 20.62 -0.49
N THR A 257 2.69 20.87 0.80
CA THR A 257 3.39 22.05 1.27
C THR A 257 4.80 22.09 0.69
N GLU A 258 4.89 22.31 -0.62
CA GLU A 258 6.13 22.28 -1.37
C GLU A 258 5.79 22.67 -2.80
N ARG A 259 5.03 21.81 -3.48
CA ARG A 259 4.47 22.17 -4.78
C ARG A 259 3.63 23.44 -4.70
N LYS A 260 3.22 23.84 -3.50
CA LYS A 260 2.55 25.11 -3.26
C LYS A 260 3.56 26.22 -2.96
N LYS A 261 4.00 26.32 -1.72
CA LYS A 261 4.90 27.40 -1.31
C LYS A 261 6.37 26.98 -1.51
N ALA A 262 6.73 26.77 -2.78
CA ALA A 262 8.12 26.70 -3.19
C ALA A 262 8.59 27.95 -3.92
N GLU A 263 7.68 28.67 -4.57
CA GLU A 263 8.01 30.02 -5.04
C GLU A 263 8.44 30.88 -3.86
N ALA A 264 7.67 30.83 -2.77
CA ALA A 264 8.02 31.58 -1.57
C ALA A 264 9.12 30.89 -0.76
N ASN A 265 9.22 29.56 -0.85
CA ASN A 265 10.28 28.86 -0.13
C ASN A 265 11.66 29.33 -0.60
N LYS A 266 11.93 29.19 -1.90
CA LYS A 266 13.21 29.64 -2.43
C LYS A 266 13.40 31.14 -2.26
N ALA A 267 12.34 31.92 -2.48
CA ALA A 267 12.43 33.37 -2.38
C ALA A 267 12.61 33.79 -0.92
N LEU A 268 11.63 33.49 -0.07
CA LEU A 268 11.69 33.91 1.33
C LEU A 268 12.75 33.16 2.16
N VAL A 269 13.62 32.36 1.57
CA VAL A 269 14.80 31.86 2.27
C VAL A 269 16.00 32.76 2.04
N SER A 270 16.26 33.12 0.77
CA SER A 270 17.30 34.09 0.48
C SER A 270 16.97 35.45 1.09
N ARG A 271 15.68 35.76 1.21
CA ARG A 271 15.20 36.95 1.90
C ARG A 271 15.49 36.92 3.39
N GLU A 272 16.12 35.87 3.89
CA GLU A 272 16.51 35.79 5.30
C GLU A 272 17.82 35.04 5.49
N ILE A 273 18.35 34.41 4.43
CA ILE A 273 19.72 33.90 4.51
C ILE A 273 20.72 34.99 4.16
N ALA A 274 20.25 36.12 3.63
CA ALA A 274 21.04 37.34 3.49
C ALA A 274 20.60 38.43 4.44
N HIS A 275 19.30 38.48 4.75
CA HIS A 275 18.78 39.44 5.72
C HIS A 275 19.49 39.30 7.07
N ARG A 276 19.83 38.07 7.45
CA ARG A 276 20.54 37.81 8.69
C ARG A 276 21.86 37.09 8.44
N PHE A 277 22.57 37.52 7.41
CA PHE A 277 23.94 37.05 7.21
C PHE A 277 24.77 38.17 6.59
N LYS A 278 24.09 39.15 5.98
CA LYS A 278 24.68 40.49 5.90
C LYS A 278 24.70 41.11 7.28
N ASN A 279 23.54 41.11 7.95
CA ASN A 279 23.44 41.61 9.31
C ASN A 279 24.34 40.83 10.27
N SER A 280 24.58 39.55 9.98
CA SER A 280 25.30 38.69 10.93
C SER A 280 26.81 38.72 10.74
N MET A 281 27.30 38.99 9.54
CA MET A 281 28.73 39.09 9.29
C MET A 281 29.21 40.54 9.18
N ALA A 282 28.32 41.52 9.28
CA ALA A 282 28.73 42.92 9.27
C ALA A 282 29.18 43.41 10.64
N MET A 283 29.19 42.54 11.65
CA MET A 283 29.60 42.94 12.99
C MET A 283 30.62 41.98 13.58
N VAL A 284 30.63 40.72 13.14
CA VAL A 284 31.68 39.80 13.55
C VAL A 284 33.02 40.29 13.03
N GLN A 285 33.02 41.04 11.93
CA GLN A 285 34.22 41.70 11.44
C GLN A 285 34.44 43.07 12.05
N SER A 286 33.46 43.59 12.79
CA SER A 286 33.68 44.73 13.67
C SER A 286 34.44 44.36 14.93
N ILE A 287 35.03 43.17 14.95
CA ILE A 287 35.87 42.68 16.05
C ILE A 287 37.31 43.00 15.70
N ALA A 288 37.62 42.97 14.41
CA ALA A 288 38.87 43.56 13.92
C ALA A 288 38.88 45.07 14.11
N ASN A 289 37.72 45.67 14.38
CA ASN A 289 37.63 47.04 14.85
C ASN A 289 38.04 47.18 16.31
N GLN A 290 38.11 46.06 17.05
CA GLN A 290 38.41 46.06 18.47
C GLN A 290 39.67 45.27 18.77
N THR A 291 40.65 45.31 17.87
CA THR A 291 41.94 44.67 18.09
C THR A 291 43.11 45.44 17.51
N LEU A 292 42.88 46.59 16.87
CA LEU A 292 43.91 47.30 16.13
C LEU A 292 44.17 48.65 16.80
N ARG A 293 45.34 48.77 17.44
CA ARG A 293 45.83 50.06 17.93
C ARG A 293 47.33 49.97 18.13
N ASN A 294 47.83 48.77 18.41
CA ASN A 294 49.26 48.52 18.48
C ASN A 294 49.77 48.09 17.11
N THR A 295 50.98 47.56 17.05
CA THR A 295 51.55 47.04 15.81
C THR A 295 51.60 45.52 15.87
N TYR A 296 51.83 44.92 14.70
CA TYR A 296 51.86 43.47 14.53
C TYR A 296 50.55 42.83 15.01
N ASP A 297 49.45 43.40 14.56
CA ASP A 297 48.13 42.79 14.71
C ASP A 297 47.80 41.84 13.57
N PRO A 298 48.41 41.99 12.37
CA PRO A 298 48.35 40.89 11.40
C PRO A 298 49.09 39.64 11.87
N GLU A 299 49.44 39.58 13.15
CA GLU A 299 50.05 38.40 13.76
C GLU A 299 49.22 37.82 14.90
N GLN A 300 48.42 38.63 15.59
CA GLN A 300 47.52 38.14 16.62
C GLN A 300 46.06 38.51 16.38
N ALA A 301 45.78 39.67 15.77
CA ALA A 301 44.40 40.03 15.46
C ALA A 301 43.85 39.26 14.26
N ASN A 302 44.64 38.33 13.71
CA ASN A 302 44.13 37.33 12.80
C ASN A 302 44.02 35.95 13.42
N ARG A 303 44.80 35.68 14.49
CA ARG A 303 44.54 34.52 15.33
C ARG A 303 43.32 34.72 16.22
N LEU A 304 42.76 35.93 16.23
CA LEU A 304 41.53 36.24 16.95
C LEU A 304 40.41 36.59 15.96
N PHE A 305 40.44 35.99 14.77
CA PHE A 305 39.37 36.23 13.80
C PHE A 305 39.20 35.04 12.87
N SER A 306 40.31 34.44 12.41
CA SER A 306 40.20 33.27 11.54
C SER A 306 39.62 32.07 12.26
N GLU A 307 39.47 32.14 13.59
CA GLU A 307 38.78 31.12 14.36
C GLU A 307 37.28 31.35 14.45
N ARG A 308 36.76 32.33 13.70
CA ARG A 308 35.32 32.54 13.59
C ARG A 308 34.79 32.36 12.18
N LEU A 309 35.65 32.19 11.19
CA LEU A 309 35.20 32.03 9.81
C LEU A 309 35.05 30.56 9.41
N ARG A 310 35.86 29.68 9.99
CA ARG A 310 35.61 28.24 9.91
C ARG A 310 34.89 27.71 11.14
N ALA A 311 34.60 28.57 12.11
CA ALA A 311 33.62 28.25 13.15
C ALA A 311 32.19 28.44 12.67
N LEU A 312 32.02 29.02 11.47
CA LEU A 312 30.73 29.07 10.79
C LEU A 312 30.72 28.28 9.49
N SER A 313 31.87 28.07 8.86
CA SER A 313 31.95 27.19 7.71
C SER A 313 31.92 25.71 8.09
N GLN A 314 32.19 25.41 9.35
CA GLN A 314 32.00 24.06 9.88
C GLN A 314 30.67 23.89 10.60
N ALA A 315 29.98 24.99 10.93
CA ALA A 315 28.63 24.94 11.49
C ALA A 315 27.59 24.61 10.46
N HIS A 316 28.05 24.30 9.25
CA HIS A 316 27.15 23.90 8.16
C HIS A 316 27.73 22.77 7.33
N ASP A 317 28.96 22.34 7.57
CA ASP A 317 29.56 21.24 6.82
C ASP A 317 28.92 19.91 7.21
N GLN B 5 -37.85 -73.87 8.47
CA GLN B 5 -38.05 -73.71 9.90
C GLN B 5 -38.01 -72.24 10.30
N ALA B 6 -36.94 -71.56 9.90
CA ALA B 6 -36.61 -70.23 10.41
C ALA B 6 -36.76 -69.19 9.31
N THR B 7 -37.00 -67.94 9.73
CA THR B 7 -37.37 -66.88 8.81
C THR B 7 -36.15 -66.39 8.03
N ASP B 8 -36.34 -65.29 7.30
CA ASP B 8 -35.26 -64.63 6.59
C ASP B 8 -34.70 -63.51 7.46
N PRO B 9 -33.43 -63.55 7.84
CA PRO B 9 -32.90 -62.51 8.75
C PRO B 9 -32.90 -61.12 8.15
N PHE B 10 -32.83 -61.00 6.82
CA PHE B 10 -32.71 -59.69 6.20
C PHE B 10 -33.98 -58.88 6.36
N ARG B 11 -35.14 -59.54 6.50
CA ARG B 11 -36.35 -58.82 6.85
C ARG B 11 -36.31 -58.31 8.28
N ALA B 12 -35.81 -59.14 9.20
CA ALA B 12 -35.61 -58.68 10.57
C ALA B 12 -34.63 -57.51 10.64
N ALA B 13 -33.75 -57.38 9.65
CA ALA B 13 -32.91 -56.19 9.58
C ALA B 13 -33.78 -54.99 9.26
N VAL B 14 -34.41 -54.99 8.09
CA VAL B 14 -35.22 -53.85 7.65
C VAL B 14 -36.38 -53.61 8.60
N GLU B 15 -36.88 -54.66 9.26
CA GLU B 15 -37.99 -54.47 10.19
C GLU B 15 -37.54 -53.77 11.47
N PHE B 16 -36.39 -54.16 12.02
CA PHE B 16 -35.97 -53.66 13.32
C PHE B 16 -35.11 -52.40 13.23
N THR B 17 -34.46 -52.16 12.08
CA THR B 17 -33.60 -50.99 11.97
C THR B 17 -34.41 -49.71 12.16
N LEU B 18 -33.78 -48.72 12.78
CA LEU B 18 -34.43 -47.42 12.97
C LEU B 18 -34.36 -46.55 11.72
N MET B 19 -33.71 -47.02 10.67
CA MET B 19 -33.57 -46.30 9.41
C MET B 19 -34.81 -46.49 8.54
N PRO B 20 -35.60 -45.44 8.30
CA PRO B 20 -36.79 -45.59 7.46
C PRO B 20 -36.44 -46.08 6.07
N MET B 21 -37.13 -47.14 5.63
CA MET B 21 -36.86 -47.76 4.35
C MET B 21 -38.18 -48.08 3.64
N LEU B 22 -38.07 -48.42 2.35
CA LEU B 22 -39.23 -48.72 1.52
C LEU B 22 -38.82 -49.70 0.43
N ILE B 23 -39.77 -50.54 0.04
CA ILE B 23 -39.67 -51.36 -1.17
C ILE B 23 -40.90 -51.07 -2.02
N THR B 24 -40.70 -51.01 -3.33
CA THR B 24 -41.79 -50.84 -4.28
C THR B 24 -41.66 -51.87 -5.39
N ASN B 25 -42.73 -52.06 -6.15
CA ASN B 25 -42.78 -53.05 -7.23
C ASN B 25 -43.03 -52.36 -8.56
N PRO B 26 -42.03 -52.24 -9.43
CA PRO B 26 -42.25 -51.64 -10.76
C PRO B 26 -42.87 -52.57 -11.79
N HIS B 27 -43.22 -53.80 -11.40
CA HIS B 27 -44.01 -54.66 -12.27
C HIS B 27 -45.50 -54.53 -11.97
N LEU B 28 -45.86 -54.30 -10.70
CA LEU B 28 -47.17 -53.78 -10.36
C LEU B 28 -47.33 -52.40 -11.00
N PRO B 29 -48.52 -52.04 -11.46
CA PRO B 29 -48.68 -50.74 -12.14
C PRO B 29 -48.45 -49.57 -11.19
N ASP B 30 -47.75 -48.55 -11.71
CA ASP B 30 -47.54 -47.27 -11.06
C ASP B 30 -46.67 -47.39 -9.80
N ASN B 31 -45.79 -48.40 -9.78
CA ASN B 31 -44.74 -48.58 -8.78
C ASN B 31 -45.23 -48.33 -7.36
N PRO B 32 -45.97 -49.27 -6.76
CA PRO B 32 -46.53 -49.03 -5.42
C PRO B 32 -45.65 -49.54 -4.28
N ILE B 33 -45.73 -48.90 -3.12
CA ILE B 33 -44.98 -49.33 -1.94
C ILE B 33 -45.46 -50.72 -1.52
N VAL B 34 -44.63 -51.74 -1.74
CA VAL B 34 -45.03 -53.08 -1.31
C VAL B 34 -44.63 -53.31 0.14
N PHE B 35 -43.53 -52.71 0.60
CA PHE B 35 -43.10 -52.84 1.97
C PHE B 35 -42.76 -51.48 2.56
N ALA B 36 -43.15 -51.28 3.82
CA ALA B 36 -42.79 -50.10 4.58
C ALA B 36 -42.44 -50.53 5.99
N ASN B 37 -41.20 -50.29 6.40
CA ASN B 37 -40.76 -50.66 7.74
C ASN B 37 -41.37 -49.69 8.76
N PRO B 38 -41.42 -50.07 10.04
CA PRO B 38 -42.10 -49.20 11.02
C PRO B 38 -41.46 -47.84 11.19
N ALA B 39 -40.15 -47.72 10.93
CA ALA B 39 -39.49 -46.42 11.04
C ALA B 39 -40.05 -45.43 10.02
N PHE B 40 -40.26 -45.89 8.78
CA PHE B 40 -40.87 -45.02 7.77
C PHE B 40 -42.25 -44.56 8.19
N LEU B 41 -42.94 -45.34 9.02
CA LEU B 41 -44.26 -44.96 9.50
C LEU B 41 -44.21 -44.21 10.82
N LYS B 42 -43.05 -44.19 11.49
CA LYS B 42 -42.83 -43.25 12.57
C LYS B 42 -42.37 -41.90 12.03
N LEU B 43 -41.57 -41.93 10.95
CA LEU B 43 -41.17 -40.71 10.27
C LEU B 43 -42.38 -39.99 9.69
N THR B 44 -43.13 -40.68 8.82
CA THR B 44 -44.23 -40.03 8.12
C THR B 44 -45.43 -39.80 9.02
N GLY B 45 -45.67 -40.69 9.99
CA GLY B 45 -46.81 -40.59 10.86
C GLY B 45 -48.06 -41.29 10.38
N TYR B 46 -48.12 -41.62 9.09
CA TYR B 46 -49.26 -42.35 8.56
C TYR B 46 -49.29 -43.77 9.12
N GLU B 47 -50.36 -44.50 8.82
CA GLU B 47 -50.54 -45.84 9.36
C GLU B 47 -50.19 -46.90 8.31
N ALA B 48 -50.00 -48.13 8.80
CA ALA B 48 -49.39 -49.18 8.00
C ALA B 48 -50.08 -49.36 6.66
N ASP B 49 -51.41 -49.47 6.67
CA ASP B 49 -52.12 -49.68 5.42
C ASP B 49 -52.14 -48.41 4.55
N GLU B 50 -52.06 -47.24 5.18
CA GLU B 50 -52.19 -46.00 4.43
C GLU B 50 -51.05 -45.79 3.44
N VAL B 51 -49.88 -46.38 3.70
CA VAL B 51 -48.72 -46.20 2.84
C VAL B 51 -48.47 -47.41 1.94
N MET B 52 -49.39 -48.38 1.92
CA MET B 52 -49.24 -49.58 1.14
C MET B 52 -50.09 -49.49 -0.13
N GLY B 53 -49.60 -50.09 -1.20
CA GLY B 53 -50.30 -50.07 -2.47
C GLY B 53 -50.35 -48.72 -3.17
N ARG B 54 -50.15 -47.62 -2.44
CA ARG B 54 -50.06 -46.31 -3.05
C ARG B 54 -48.64 -46.06 -3.56
N ASN B 55 -48.48 -44.98 -4.31
CA ASN B 55 -47.16 -44.55 -4.75
C ASN B 55 -46.68 -43.40 -3.86
N CYS B 56 -45.37 -43.39 -3.59
CA CYS B 56 -44.80 -42.48 -2.60
C CYS B 56 -45.17 -41.02 -2.84
N ARG B 57 -45.43 -40.68 -4.09
CA ARG B 57 -45.88 -39.36 -4.54
C ARG B 57 -46.85 -38.67 -3.59
N PHE B 58 -47.61 -39.44 -2.82
CA PHE B 58 -48.65 -38.89 -1.95
C PHE B 58 -48.09 -38.03 -0.82
N LEU B 59 -46.79 -38.05 -0.55
CA LEU B 59 -46.22 -37.28 0.55
C LEU B 59 -45.96 -35.82 0.18
N GLN B 60 -46.02 -35.49 -1.11
CA GLN B 60 -45.70 -34.16 -1.59
C GLN B 60 -46.88 -33.22 -1.37
N GLY B 61 -46.67 -31.95 -1.69
CA GLY B 61 -47.73 -30.99 -1.44
C GLY B 61 -47.49 -29.69 -2.18
N HIS B 62 -48.06 -28.62 -1.64
CA HIS B 62 -48.05 -27.34 -2.32
C HIS B 62 -46.68 -26.67 -2.26
N GLY B 63 -45.91 -26.94 -1.21
CA GLY B 63 -44.58 -26.36 -1.09
C GLY B 63 -43.52 -27.26 -1.66
N THR B 64 -43.86 -28.53 -1.90
CA THR B 64 -42.93 -29.47 -2.49
C THR B 64 -42.49 -28.98 -3.86
N ASP B 65 -41.18 -28.90 -4.06
CA ASP B 65 -40.61 -28.39 -5.30
C ASP B 65 -40.96 -29.30 -6.47
N PRO B 66 -41.69 -28.81 -7.47
CA PRO B 66 -42.05 -29.70 -8.60
C PRO B 66 -40.89 -29.85 -9.58
N ALA B 67 -39.71 -29.37 -9.19
CA ALA B 67 -38.51 -29.62 -9.98
C ALA B 67 -37.76 -30.86 -9.51
N HIS B 68 -37.70 -31.06 -8.18
CA HIS B 68 -37.15 -32.31 -7.66
C HIS B 68 -37.98 -33.50 -8.12
N VAL B 69 -39.30 -33.35 -8.14
CA VAL B 69 -40.20 -34.42 -8.55
C VAL B 69 -39.85 -34.89 -9.95
N ARG B 70 -39.45 -33.96 -10.82
CA ARG B 70 -39.01 -34.34 -12.15
C ARG B 70 -37.70 -35.13 -12.10
N ALA B 71 -36.79 -34.75 -11.21
CA ALA B 71 -35.48 -35.38 -11.16
C ALA B 71 -35.60 -36.84 -10.70
N ILE B 72 -36.49 -37.13 -9.77
CA ILE B 72 -36.67 -38.50 -9.32
C ILE B 72 -37.34 -39.33 -10.40
N LYS B 73 -38.49 -38.86 -10.88
CA LYS B 73 -39.24 -39.56 -11.92
C LYS B 73 -38.37 -39.85 -13.13
N SER B 74 -37.43 -38.93 -13.43
CA SER B 74 -36.49 -39.15 -14.53
C SER B 74 -35.66 -40.40 -14.30
N ALA B 75 -35.08 -40.53 -13.11
CA ALA B 75 -34.18 -41.64 -12.80
C ALA B 75 -34.91 -42.96 -12.63
N ILE B 76 -36.16 -42.92 -12.16
CA ILE B 76 -36.94 -44.15 -12.01
C ILE B 76 -37.09 -44.85 -13.34
N ALA B 77 -37.48 -44.09 -14.37
CA ALA B 77 -37.59 -44.66 -15.71
C ALA B 77 -36.21 -45.01 -16.27
N ALA B 78 -35.17 -44.30 -15.83
CA ALA B 78 -33.81 -44.61 -16.26
C ALA B 78 -33.29 -45.90 -15.62
N GLU B 79 -33.99 -46.43 -14.62
CA GLU B 79 -33.58 -47.62 -13.89
C GLU B 79 -32.19 -47.46 -13.25
N LYS B 80 -31.80 -46.23 -12.98
CA LYS B 80 -30.54 -45.88 -12.32
C LYS B 80 -30.82 -45.37 -10.91
N PRO B 81 -29.89 -45.54 -9.97
CA PRO B 81 -30.11 -45.05 -8.61
C PRO B 81 -30.14 -43.52 -8.57
N ILE B 82 -30.61 -43.00 -7.44
CA ILE B 82 -30.67 -41.56 -7.26
C ILE B 82 -30.70 -41.19 -5.78
N ASP B 83 -29.79 -40.30 -5.39
CA ASP B 83 -29.85 -39.62 -4.10
C ASP B 83 -30.30 -38.19 -4.33
N ILE B 84 -31.26 -37.74 -3.52
CA ILE B 84 -31.79 -36.39 -3.63
C ILE B 84 -32.60 -36.08 -2.38
N ASP B 85 -32.76 -34.80 -2.09
CA ASP B 85 -33.61 -34.34 -1.00
C ASP B 85 -34.86 -33.69 -1.59
N ILE B 86 -35.96 -33.77 -0.85
CA ILE B 86 -37.22 -33.19 -1.29
C ILE B 86 -38.05 -32.88 -0.05
N ILE B 87 -39.03 -32.00 -0.20
CA ILE B 87 -39.99 -31.70 0.86
C ILE B 87 -41.04 -32.78 0.90
N ASN B 88 -41.42 -33.20 2.11
CA ASN B 88 -42.57 -34.05 2.32
C ASN B 88 -43.36 -33.48 3.50
N TYR B 89 -44.53 -34.07 3.76
CA TYR B 89 -45.40 -33.60 4.83
C TYR B 89 -45.80 -34.78 5.70
N LYS B 90 -45.63 -34.62 7.01
CA LYS B 90 -46.07 -35.64 7.95
C LYS B 90 -47.57 -35.87 7.82
N LYS B 91 -48.06 -36.94 8.46
CA LYS B 91 -49.50 -37.17 8.46
C LYS B 91 -50.25 -35.99 9.05
N SER B 92 -49.68 -35.36 10.08
CA SER B 92 -50.23 -34.14 10.65
C SER B 92 -50.01 -32.93 9.76
N GLY B 93 -49.35 -33.11 8.61
CA GLY B 93 -49.11 -32.04 7.68
C GLY B 93 -47.79 -31.32 7.86
N GLU B 94 -47.18 -31.43 9.04
CA GLU B 94 -45.91 -30.77 9.32
C GLU B 94 -44.85 -31.16 8.30
N ALA B 95 -44.48 -30.21 7.43
CA ALA B 95 -43.50 -30.50 6.40
C ALA B 95 -42.12 -30.74 7.00
N PHE B 96 -41.32 -31.54 6.30
CA PHE B 96 -39.93 -31.73 6.65
C PHE B 96 -39.15 -31.94 5.36
N TRP B 97 -37.84 -32.08 5.49
CA TRP B 97 -36.98 -32.46 4.38
C TRP B 97 -36.69 -33.95 4.43
N ASN B 98 -36.95 -34.64 3.33
CA ASN B 98 -36.80 -36.08 3.22
C ASN B 98 -35.67 -36.38 2.25
N ARG B 99 -34.61 -37.01 2.74
CA ARG B 99 -33.49 -37.43 1.90
C ARG B 99 -33.72 -38.86 1.44
N LEU B 100 -33.71 -39.06 0.12
CA LEU B 100 -34.07 -40.34 -0.49
C LEU B 100 -32.83 -40.92 -1.16
N HIS B 101 -32.41 -42.09 -0.69
CA HIS B 101 -31.29 -42.83 -1.28
C HIS B 101 -31.93 -44.03 -1.97
N ILE B 102 -32.32 -43.85 -3.23
CA ILE B 102 -33.20 -44.75 -3.95
C ILE B 102 -32.38 -45.58 -4.92
N SER B 103 -32.54 -46.90 -4.86
CA SER B 103 -31.72 -47.82 -5.64
C SER B 103 -32.57 -48.82 -6.40
N PRO B 104 -32.11 -49.27 -7.56
CA PRO B 104 -32.89 -50.22 -8.36
C PRO B 104 -32.41 -51.66 -8.23
N VAL B 105 -33.30 -52.56 -7.81
CA VAL B 105 -32.95 -53.97 -7.67
C VAL B 105 -33.13 -54.65 -9.02
N HIS B 106 -32.04 -55.10 -9.61
CA HIS B 106 -32.07 -55.93 -10.80
C HIS B 106 -31.95 -57.40 -10.40
N ASN B 107 -32.47 -58.28 -11.25
CA ASN B 107 -32.40 -59.71 -11.00
C ASN B 107 -31.33 -60.34 -11.89
N ALA B 108 -31.37 -61.67 -12.03
CA ALA B 108 -30.29 -62.38 -12.71
C ALA B 108 -30.24 -62.07 -14.20
N ASN B 109 -31.40 -61.99 -14.86
CA ASN B 109 -31.42 -61.72 -16.29
C ASN B 109 -30.84 -60.34 -16.61
N GLY B 110 -30.91 -59.42 -15.66
CA GLY B 110 -30.56 -58.04 -15.90
C GLY B 110 -31.74 -57.11 -16.05
N ARG B 111 -32.94 -57.56 -15.74
CA ARG B 111 -34.16 -56.79 -15.88
C ARG B 111 -34.63 -56.32 -14.51
N LEU B 112 -35.04 -55.05 -14.44
CA LEU B 112 -35.48 -54.45 -13.18
C LEU B 112 -36.65 -55.22 -12.58
N GLN B 113 -36.67 -55.30 -11.25
CA GLN B 113 -37.76 -55.99 -10.55
C GLN B 113 -38.21 -55.33 -9.25
N HIS B 114 -37.37 -54.53 -8.59
CA HIS B 114 -37.79 -53.79 -7.40
C HIS B 114 -37.04 -52.48 -7.29
N PHE B 115 -37.64 -51.52 -6.60
CA PHE B 115 -36.98 -50.32 -6.14
C PHE B 115 -36.92 -50.33 -4.62
N VAL B 116 -35.76 -49.96 -4.07
CA VAL B 116 -35.56 -49.88 -2.63
C VAL B 116 -34.99 -48.52 -2.29
N SER B 117 -35.32 -48.04 -1.09
CA SER B 117 -34.91 -46.69 -0.69
C SER B 117 -34.63 -46.66 0.81
N SER B 118 -33.83 -45.67 1.21
CA SER B 118 -33.58 -45.33 2.60
C SER B 118 -33.93 -43.88 2.80
N GLN B 119 -34.79 -43.60 3.78
CA GLN B 119 -35.35 -42.27 3.97
C GLN B 119 -34.87 -41.68 5.28
N LEU B 120 -34.53 -40.39 5.26
CA LEU B 120 -34.01 -39.71 6.44
C LEU B 120 -34.60 -38.31 6.52
N ASP B 121 -34.90 -37.90 7.76
CA ASP B 121 -35.48 -36.58 8.02
C ASP B 121 -34.35 -35.57 8.19
N VAL B 122 -33.77 -35.19 7.06
CA VAL B 122 -32.65 -34.25 7.05
C VAL B 122 -33.16 -32.82 7.14
N THR B 123 -34.13 -32.58 8.02
CA THR B 123 -34.58 -31.22 8.30
C THR B 123 -33.76 -30.53 9.37
N LEU B 124 -32.59 -31.10 9.70
CA LEU B 124 -31.63 -30.41 10.54
C LEU B 124 -30.72 -29.50 9.72
N GLU B 125 -30.34 -29.93 8.52
CA GLU B 125 -29.53 -29.10 7.64
C GLU B 125 -30.31 -27.93 7.08
N LEU B 126 -31.64 -27.96 7.22
CA LEU B 126 -32.46 -26.81 6.83
C LEU B 126 -32.04 -25.57 7.61
N SER B 127 -31.96 -25.68 8.94
CA SER B 127 -31.42 -24.60 9.75
C SER B 127 -29.94 -24.39 9.48
N ARG B 128 -29.24 -25.44 9.02
CA ARG B 128 -27.82 -25.31 8.70
C ARG B 128 -27.60 -24.52 7.42
N LEU B 129 -28.50 -24.65 6.44
CA LEU B 129 -28.41 -23.83 5.24
C LEU B 129 -28.74 -22.38 5.56
N VAL B 130 -29.81 -22.14 6.31
CA VAL B 130 -30.22 -20.78 6.64
C VAL B 130 -29.13 -20.06 7.42
N GLU B 131 -28.50 -20.75 8.36
CA GLU B 131 -27.36 -20.18 9.08
C GLU B 131 -26.21 -19.90 8.12
N LEU B 132 -25.73 -20.94 7.43
CA LEU B 132 -24.51 -20.84 6.64
C LEU B 132 -24.65 -19.81 5.53
N GLU B 133 -25.76 -19.84 4.81
CA GLU B 133 -25.89 -18.95 3.65
C GLU B 133 -26.15 -17.51 4.07
N LYS B 134 -27.02 -17.29 5.06
CA LYS B 134 -27.26 -15.91 5.53
C LYS B 134 -25.97 -15.25 5.96
N GLU B 135 -25.12 -15.97 6.71
CA GLU B 135 -23.87 -15.39 7.17
C GLU B 135 -22.88 -15.21 6.02
N ARG B 136 -22.53 -16.30 5.34
CA ARG B 136 -21.48 -16.27 4.33
C ARG B 136 -21.87 -15.44 3.12
N LYS B 137 -23.09 -14.93 3.10
CA LYS B 137 -23.51 -13.90 2.16
C LYS B 137 -23.18 -12.50 2.68
N THR B 138 -23.66 -12.18 3.88
CA THR B 138 -23.33 -10.88 4.48
C THR B 138 -21.84 -10.73 4.75
N LEU B 139 -21.09 -11.83 4.80
CA LEU B 139 -19.66 -11.73 5.00
C LEU B 139 -18.92 -11.49 3.69
N SER B 140 -19.42 -12.06 2.59
CA SER B 140 -18.89 -11.76 1.26
C SER B 140 -19.38 -10.41 0.75
N ILE B 141 -20.25 -9.73 1.50
CA ILE B 141 -20.66 -8.37 1.20
C ILE B 141 -19.83 -7.42 2.05
N GLU B 142 -19.44 -7.87 3.25
CA GLU B 142 -18.41 -7.17 4.01
C GLU B 142 -17.13 -7.05 3.20
N THR B 143 -16.72 -8.15 2.55
CA THR B 143 -15.52 -8.11 1.72
C THR B 143 -15.70 -7.16 0.54
N ALA B 144 -16.86 -7.23 -0.13
CA ALA B 144 -17.13 -6.36 -1.26
C ALA B 144 -17.03 -4.88 -0.89
N ARG B 145 -17.21 -4.54 0.38
CA ARG B 145 -17.00 -3.17 0.82
C ARG B 145 -15.52 -2.83 0.84
N SER B 146 -14.71 -3.68 1.47
CA SER B 146 -13.26 -3.47 1.53
C SER B 146 -12.55 -3.81 0.23
N LYS B 147 -13.26 -4.30 -0.78
CA LYS B 147 -12.71 -4.33 -2.13
C LYS B 147 -12.75 -2.94 -2.75
N ASP B 148 -13.95 -2.34 -2.78
CA ASP B 148 -14.12 -1.03 -3.41
C ASP B 148 -13.26 0.03 -2.72
N GLN B 149 -13.08 -0.09 -1.41
CA GLN B 149 -12.17 0.81 -0.69
C GLN B 149 -10.75 0.68 -1.23
N LEU B 150 -10.21 -0.54 -1.23
CA LEU B 150 -8.89 -0.76 -1.77
C LEU B 150 -8.81 -0.36 -3.23
N ASP B 151 -9.82 -0.76 -4.02
CA ASP B 151 -9.86 -0.37 -5.43
C ASP B 151 -9.76 1.14 -5.59
N TYR B 152 -10.41 1.89 -4.70
CA TYR B 152 -10.45 3.35 -4.85
C TYR B 152 -9.14 4.01 -4.46
N ILE B 153 -8.49 3.50 -3.40
CA ILE B 153 -7.17 4.01 -3.00
C ILE B 153 -6.12 3.76 -4.08
N VAL B 154 -6.45 2.93 -5.07
CA VAL B 154 -5.54 2.65 -6.16
C VAL B 154 -5.89 3.42 -7.44
N GLU B 155 -7.17 3.72 -7.67
CA GLU B 155 -7.51 4.69 -8.71
C GLU B 155 -6.77 5.98 -8.41
N VAL B 156 -7.10 6.59 -7.28
CA VAL B 156 -6.33 7.70 -6.72
C VAL B 156 -4.99 7.15 -6.26
N ALA B 157 -4.02 8.04 -6.04
CA ALA B 157 -2.76 7.66 -5.41
C ALA B 157 -1.91 6.79 -6.33
N ASN B 158 -2.48 6.36 -7.46
CA ASN B 158 -1.81 5.59 -8.49
C ASN B 158 -0.85 4.53 -7.95
N ILE B 159 -1.38 3.38 -7.55
CA ILE B 159 -0.59 2.31 -6.95
C ILE B 159 -0.45 1.18 -7.97
N GLY B 160 0.76 0.99 -8.47
CA GLY B 160 1.02 -0.11 -9.39
C GLY B 160 1.08 -1.44 -8.68
N PHE B 161 0.90 -2.51 -9.45
CA PHE B 161 0.72 -3.84 -8.88
C PHE B 161 1.19 -4.87 -9.91
N TRP B 162 2.30 -5.54 -9.65
CA TRP B 162 2.84 -6.53 -10.57
C TRP B 162 3.18 -7.82 -9.83
N THR B 163 3.18 -8.93 -10.59
CA THR B 163 3.55 -10.23 -10.08
C THR B 163 4.48 -10.89 -11.09
N ARG B 164 5.40 -11.72 -10.60
CA ARG B 164 6.26 -12.50 -11.49
C ARG B 164 6.35 -13.93 -10.95
N GLU B 165 5.82 -14.88 -11.73
CA GLU B 165 5.99 -16.30 -11.45
C GLU B 165 7.48 -16.63 -11.37
N PHE B 166 7.99 -16.86 -10.16
CA PHE B 166 9.43 -17.01 -9.98
C PHE B 166 9.98 -18.21 -10.75
N TYR B 167 9.17 -19.23 -10.98
CA TYR B 167 9.63 -20.41 -11.70
C TYR B 167 9.63 -20.19 -13.21
N SER B 168 8.56 -19.59 -13.74
CA SER B 168 8.37 -19.51 -15.19
C SER B 168 8.57 -18.12 -15.78
N GLY B 169 8.46 -17.06 -14.98
CA GLY B 169 8.59 -15.71 -15.49
C GLY B 169 7.30 -15.07 -15.95
N LYS B 170 6.16 -15.75 -15.78
CA LYS B 170 4.87 -15.15 -16.10
C LYS B 170 4.65 -13.90 -15.26
N MET B 171 4.19 -12.83 -15.91
CA MET B 171 4.02 -11.55 -15.25
C MET B 171 2.61 -11.02 -15.45
N THR B 172 2.11 -10.31 -14.43
CA THR B 172 0.83 -9.62 -14.48
C THR B 172 1.07 -8.16 -14.11
N CYS B 173 0.44 -7.26 -14.84
CA CYS B 173 0.61 -5.83 -14.62
C CYS B 173 -0.76 -5.18 -14.46
N SER B 174 -1.00 -4.59 -13.29
CA SER B 174 -2.25 -3.88 -13.06
C SER B 174 -2.33 -2.63 -13.94
N ALA B 175 -3.55 -2.09 -14.03
CA ALA B 175 -3.78 -0.93 -14.89
C ALA B 175 -2.96 0.27 -14.43
N GLU B 176 -2.92 0.53 -13.13
CA GLU B 176 -2.10 1.62 -12.61
C GLU B 176 -0.62 1.36 -12.87
N CYS B 177 -0.19 0.10 -12.72
CA CYS B 177 1.19 -0.26 -13.05
C CYS B 177 1.46 -0.02 -14.52
N ARG B 178 0.56 -0.47 -15.39
CA ARG B 178 0.70 -0.21 -16.82
C ARG B 178 0.61 1.28 -17.12
N ARG B 179 -0.14 2.02 -16.30
CA ARG B 179 -0.22 3.48 -16.46
C ARG B 179 1.08 4.16 -16.05
N ILE B 180 1.76 3.61 -15.04
CA ILE B 180 3.00 4.22 -14.56
C ILE B 180 4.12 4.06 -15.59
N TYR B 181 4.32 2.83 -16.07
CA TYR B 181 5.16 2.64 -17.24
C TYR B 181 4.41 3.16 -18.48
N GLY B 182 5.11 3.16 -19.61
CA GLY B 182 4.48 3.52 -20.86
C GLY B 182 3.93 2.30 -21.57
N PHE B 183 2.90 1.69 -20.99
CA PHE B 183 2.45 0.37 -21.39
C PHE B 183 1.00 0.41 -21.86
N THR B 184 0.72 -0.30 -22.95
CA THR B 184 -0.64 -0.45 -23.43
C THR B 184 -1.46 -1.24 -22.41
N PRO B 185 -2.71 -0.81 -22.13
CA PRO B 185 -3.53 -1.48 -21.12
C PRO B 185 -3.66 -2.99 -21.22
N ASP B 186 -3.19 -3.58 -22.33
CA ASP B 186 -3.41 -5.02 -22.54
C ASP B 186 -2.29 -5.70 -23.32
N GLU B 187 -1.06 -5.16 -23.31
CA GLU B 187 0.02 -5.90 -23.96
C GLU B 187 0.69 -6.84 -22.97
N PRO B 188 1.29 -7.93 -23.43
CA PRO B 188 1.97 -8.85 -22.50
C PRO B 188 3.23 -8.22 -21.92
N VAL B 189 3.43 -8.43 -20.62
CA VAL B 189 4.56 -7.86 -19.90
C VAL B 189 5.44 -9.00 -19.41
N HIS B 190 6.75 -8.84 -19.62
CA HIS B 190 7.76 -9.68 -18.99
C HIS B 190 8.80 -8.77 -18.38
N PHE B 191 9.74 -9.36 -17.64
CA PHE B 191 10.88 -8.59 -17.13
C PHE B 191 11.56 -7.84 -18.26
N ASP B 192 11.73 -8.52 -19.40
CA ASP B 192 12.01 -7.93 -20.70
C ASP B 192 11.45 -6.52 -20.87
N THR B 193 10.13 -6.42 -21.04
CA THR B 193 9.51 -5.17 -21.46
C THR B 193 9.76 -4.04 -20.47
N ILE B 194 9.88 -4.35 -19.18
CA ILE B 194 10.14 -3.32 -18.19
C ILE B 194 11.59 -2.86 -18.27
N LEU B 195 12.54 -3.81 -18.29
CA LEU B 195 13.96 -3.45 -18.24
C LEU B 195 14.38 -2.67 -19.47
N ASP B 196 13.72 -2.87 -20.61
CA ASP B 196 14.02 -2.06 -21.78
C ASP B 196 13.71 -0.58 -21.56
N LEU B 197 13.02 -0.23 -20.47
CA LEU B 197 12.73 1.16 -20.14
C LEU B 197 13.64 1.73 -19.06
N VAL B 198 14.28 0.89 -18.25
CA VAL B 198 15.15 1.37 -17.19
C VAL B 198 16.36 2.06 -17.81
N VAL B 199 16.68 3.26 -17.30
CA VAL B 199 17.84 3.98 -17.80
C VAL B 199 19.09 3.12 -17.61
N LEU B 200 20.02 3.24 -18.55
CA LEU B 200 21.14 2.31 -18.62
C LEU B 200 21.98 2.32 -17.35
N GLU B 201 21.98 3.43 -16.62
CA GLU B 201 22.75 3.50 -15.38
C GLU B 201 22.20 2.54 -14.33
N ASP B 202 20.89 2.31 -14.32
CA ASP B 202 20.23 1.61 -13.22
C ASP B 202 19.84 0.17 -13.58
N ARG B 203 20.31 -0.35 -14.72
CA ARG B 203 19.88 -1.68 -15.15
C ARG B 203 20.43 -2.78 -14.24
N MET B 204 21.74 -2.77 -14.01
CA MET B 204 22.38 -3.86 -13.27
C MET B 204 21.83 -3.98 -11.85
N THR B 205 21.32 -2.89 -11.29
CA THR B 205 20.65 -2.98 -9.99
C THR B 205 19.32 -3.73 -10.12
N VAL B 206 18.58 -3.50 -11.19
CA VAL B 206 17.29 -4.16 -11.38
C VAL B 206 17.49 -5.66 -11.59
N VAL B 207 18.47 -6.02 -12.42
CA VAL B 207 18.73 -7.44 -12.69
C VAL B 207 19.16 -8.15 -11.42
N GLN B 208 20.10 -7.55 -10.68
CA GLN B 208 20.60 -8.17 -9.46
C GLN B 208 19.48 -8.40 -8.46
N LYS B 209 18.45 -7.54 -8.47
CA LYS B 209 17.37 -7.69 -7.51
C LYS B 209 16.32 -8.68 -7.98
N ALA B 210 15.97 -8.65 -9.27
CA ALA B 210 15.00 -9.59 -9.82
C ALA B 210 15.53 -11.02 -9.87
N HIS B 211 16.86 -11.19 -9.92
CA HIS B 211 17.46 -12.51 -9.79
C HIS B 211 17.79 -12.86 -8.35
N GLN B 212 17.60 -11.92 -7.43
CA GLN B 212 17.77 -12.16 -6.00
C GLN B 212 16.50 -12.69 -5.34
N ALA B 213 15.33 -12.34 -5.87
CA ALA B 213 14.06 -12.61 -5.23
C ALA B 213 13.73 -14.09 -5.13
N VAL B 214 14.70 -14.90 -4.73
CA VAL B 214 14.41 -16.26 -4.29
C VAL B 214 14.27 -16.31 -2.77
N THR B 215 14.89 -15.35 -2.07
CA THR B 215 14.92 -15.34 -0.61
C THR B 215 13.55 -15.22 0.03
N GLY B 216 12.49 -14.97 -0.75
CA GLY B 216 11.21 -14.62 -0.16
C GLY B 216 11.29 -13.41 0.73
N GLU B 217 12.35 -12.61 0.61
CA GLU B 217 12.63 -11.53 1.54
C GLU B 217 12.22 -10.21 0.92
N PRO B 218 11.38 -9.40 1.58
CA PRO B 218 10.98 -8.12 0.98
C PRO B 218 12.14 -7.18 0.66
N TYR B 219 12.38 -6.94 -0.62
CA TYR B 219 13.36 -5.95 -1.04
C TYR B 219 12.64 -4.66 -1.46
N SER B 220 13.42 -3.66 -1.84
CA SER B 220 12.87 -2.37 -2.25
C SER B 220 13.89 -1.67 -3.13
N ILE B 221 13.49 -1.34 -4.36
CA ILE B 221 14.39 -0.72 -5.32
C ILE B 221 13.90 0.68 -5.65
N GLU B 222 14.84 1.53 -6.04
CA GLU B 222 14.55 2.74 -6.78
C GLU B 222 15.25 2.67 -8.13
N TYR B 223 14.54 3.03 -9.18
CA TYR B 223 15.11 3.05 -10.51
C TYR B 223 14.31 4.00 -11.38
N ARG B 224 14.99 4.62 -12.33
CA ARG B 224 14.40 5.59 -13.24
C ARG B 224 14.11 4.92 -14.58
N ILE B 225 13.07 5.41 -15.26
CA ILE B 225 12.66 4.87 -16.54
C ILE B 225 12.49 6.02 -17.53
N VAL B 226 12.42 5.66 -18.81
CA VAL B 226 12.14 6.58 -19.89
C VAL B 226 10.95 6.01 -20.65
N THR B 227 9.78 6.63 -20.51
CA THR B 227 8.57 6.11 -21.14
C THR B 227 8.72 6.12 -22.66
N ARG B 228 7.81 5.40 -23.31
CA ARG B 228 7.84 5.30 -24.77
C ARG B 228 7.54 6.63 -25.46
N LEU B 229 7.14 7.65 -24.70
CA LEU B 229 6.91 8.99 -25.23
C LEU B 229 7.99 9.97 -24.80
N GLY B 230 9.17 9.48 -24.41
CA GLY B 230 10.28 10.32 -24.03
C GLY B 230 10.27 10.80 -22.60
N GLU B 231 9.20 10.54 -21.84
CA GLU B 231 9.10 11.03 -20.47
C GLU B 231 10.00 10.23 -19.54
N THR B 232 10.53 10.89 -18.52
CA THR B 232 11.41 10.29 -17.52
C THR B 232 10.68 10.25 -16.18
N ARG B 233 10.74 9.10 -15.51
CA ARG B 233 10.02 8.90 -14.26
C ARG B 233 10.86 8.13 -13.26
N TRP B 234 10.83 8.56 -12.01
CA TRP B 234 11.42 7.85 -10.89
C TRP B 234 10.40 6.88 -10.30
N LEU B 235 10.88 5.72 -9.84
CA LEU B 235 9.97 4.70 -9.32
C LEU B 235 10.52 4.05 -8.05
N GLU B 236 9.71 4.04 -7.01
CA GLU B 236 9.92 3.14 -5.88
C GLU B 236 9.19 1.83 -6.13
N THR B 237 9.79 0.72 -5.70
CA THR B 237 9.18 -0.59 -5.86
C THR B 237 9.53 -1.44 -4.64
N ARG B 238 8.50 -1.90 -3.93
CA ARG B 238 8.67 -2.81 -2.80
C ARG B 238 8.04 -4.15 -3.15
N ALA B 239 8.80 -5.22 -2.98
CA ALA B 239 8.36 -6.56 -3.33
C ALA B 239 8.47 -7.48 -2.13
N LYS B 240 8.01 -8.71 -2.30
CA LYS B 240 8.08 -9.77 -1.29
C LYS B 240 7.52 -11.07 -1.86
N ALA B 241 8.39 -12.04 -2.09
CA ALA B 241 7.96 -13.30 -2.69
C ALA B 241 7.10 -14.09 -1.70
N LEU B 242 6.00 -14.65 -2.20
CA LEU B 242 5.12 -15.51 -1.42
C LEU B 242 5.39 -16.95 -1.85
N THR B 243 6.24 -17.65 -1.11
CA THR B 243 6.57 -19.02 -1.43
C THR B 243 5.36 -19.94 -1.22
N GLY B 244 5.36 -21.06 -1.93
CA GLY B 244 4.28 -22.01 -1.88
C GLY B 244 4.29 -22.97 -3.06
N GLU B 245 3.16 -23.07 -3.75
CA GLU B 245 3.09 -23.94 -4.93
C GLU B 245 3.78 -23.28 -6.12
N ASN B 246 3.15 -22.26 -6.69
CA ASN B 246 3.74 -21.47 -7.76
C ASN B 246 4.29 -20.20 -7.13
N PRO B 247 5.60 -20.15 -6.83
CA PRO B 247 6.14 -18.99 -6.08
C PRO B 247 6.00 -17.69 -6.85
N LEU B 248 5.07 -16.84 -6.41
CA LEU B 248 4.92 -15.50 -6.96
C LEU B 248 5.74 -14.50 -6.17
N VAL B 249 6.34 -13.55 -6.89
CA VAL B 249 6.89 -12.35 -6.28
C VAL B 249 5.86 -11.25 -6.45
N LEU B 250 5.42 -10.66 -5.34
CA LEU B 250 4.40 -9.62 -5.35
C LEU B 250 5.06 -8.29 -5.09
N GLY B 251 4.80 -7.32 -5.95
CA GLY B 251 5.46 -6.03 -5.86
C GLY B 251 4.49 -4.88 -5.95
N ILE B 252 4.82 -3.79 -5.26
CA ILE B 252 4.11 -2.52 -5.35
C ILE B 252 5.04 -1.54 -6.05
N VAL B 253 4.50 -0.79 -7.01
CA VAL B 253 5.28 0.17 -7.78
C VAL B 253 4.51 1.48 -7.84
N GLN B 254 5.05 2.52 -7.24
CA GLN B 254 4.44 3.84 -7.22
C GLN B 254 5.41 4.87 -7.75
N ASP B 255 4.86 5.94 -8.32
CA ASP B 255 5.64 6.98 -8.98
C ASP B 255 6.05 8.01 -7.93
N VAL B 256 7.35 8.24 -7.82
CA VAL B 256 7.90 9.17 -6.82
C VAL B 256 8.66 10.29 -7.52
N THR B 257 8.20 10.66 -8.72
CA THR B 257 8.91 11.67 -9.50
C THR B 257 8.83 13.05 -8.83
N GLU B 258 7.62 13.50 -8.49
CA GLU B 258 7.46 14.84 -7.93
C GLU B 258 8.24 15.00 -6.64
N ARG B 259 8.44 13.92 -5.89
CA ARG B 259 9.29 13.99 -4.71
C ARG B 259 10.76 14.11 -5.09
N LYS B 260 11.23 13.21 -5.95
CA LYS B 260 12.63 13.25 -6.39
C LYS B 260 12.95 14.55 -7.11
N LYS B 261 12.07 14.97 -8.02
CA LYS B 261 12.27 16.23 -8.73
C LYS B 261 12.37 17.40 -7.77
N ALA B 262 11.60 17.36 -6.68
CA ALA B 262 11.63 18.45 -5.70
C ALA B 262 12.66 18.24 -4.60
N GLU B 263 13.17 17.03 -4.42
CA GLU B 263 14.25 16.81 -3.47
C GLU B 263 15.58 17.32 -4.02
N ALA B 264 16.03 16.75 -5.15
CA ALA B 264 17.26 17.14 -5.84
C ALA B 264 17.26 18.60 -6.32
N ASN B 265 16.21 19.39 -6.07
CA ASN B 265 16.21 20.84 -6.28
C ASN B 265 16.29 21.62 -4.99
N LYS B 266 15.57 21.19 -3.95
CA LYS B 266 15.70 21.84 -2.64
C LYS B 266 17.10 21.68 -2.07
N ALA B 267 17.84 20.67 -2.50
CA ALA B 267 19.26 20.59 -2.16
C ALA B 267 20.09 21.52 -3.02
N LEU B 268 19.68 21.75 -4.26
CA LEU B 268 20.39 22.70 -5.13
C LEU B 268 20.28 24.12 -4.58
N VAL B 269 19.19 24.44 -3.89
CA VAL B 269 19.06 25.75 -3.25
C VAL B 269 20.18 25.94 -2.24
N SER B 270 20.30 25.02 -1.29
CA SER B 270 21.35 25.07 -0.28
C SER B 270 22.70 24.66 -0.81
N ARG B 271 22.79 24.28 -2.10
CA ARG B 271 24.08 23.96 -2.69
C ARG B 271 24.80 25.23 -3.17
N GLU B 272 24.09 26.09 -3.90
CA GLU B 272 24.66 27.36 -4.33
C GLU B 272 24.91 28.28 -3.15
N ILE B 273 24.05 28.22 -2.13
CA ILE B 273 24.24 29.03 -0.94
C ILE B 273 25.56 28.66 -0.25
N ALA B 274 25.88 27.37 -0.25
CA ALA B 274 27.18 26.91 0.25
C ALA B 274 28.32 27.19 -0.72
N HIS B 275 28.02 27.76 -1.89
CA HIS B 275 29.03 28.26 -2.81
C HIS B 275 29.09 29.78 -2.86
N ARG B 276 27.95 30.44 -2.69
CA ARG B 276 27.90 31.89 -2.54
C ARG B 276 28.26 32.35 -1.14
N PHE B 277 28.87 31.47 -0.33
CA PHE B 277 29.22 31.83 1.03
C PHE B 277 30.67 31.51 1.36
N LYS B 278 31.24 30.46 0.77
CA LYS B 278 32.70 30.34 0.77
C LYS B 278 33.33 31.26 -0.27
N ASN B 279 32.51 32.06 -0.95
CA ASN B 279 32.96 33.17 -1.78
C ASN B 279 32.72 34.52 -1.13
N SER B 280 31.64 34.68 -0.36
CA SER B 280 31.35 35.93 0.33
C SER B 280 32.05 36.01 1.68
N MET B 281 32.17 34.89 2.39
CA MET B 281 33.01 34.85 3.58
C MET B 281 34.48 35.04 3.19
N ALA B 282 34.92 34.31 2.16
CA ALA B 282 36.25 34.49 1.59
C ALA B 282 36.34 35.70 0.67
N MET B 283 35.27 36.47 0.54
CA MET B 283 35.39 37.79 -0.08
C MET B 283 36.14 38.73 0.84
N VAL B 284 35.82 38.70 2.12
CA VAL B 284 36.46 39.55 3.12
C VAL B 284 37.80 38.92 3.48
N GLN B 285 38.09 37.75 2.90
CA GLN B 285 39.45 37.23 2.99
C GLN B 285 40.44 38.24 2.44
N SER B 286 40.05 39.02 1.44
CA SER B 286 40.89 40.07 0.89
C SER B 286 40.67 41.42 1.56
N ILE B 287 39.45 41.71 2.01
CA ILE B 287 39.16 43.02 2.60
C ILE B 287 39.91 43.20 3.92
N ALA B 288 40.14 42.11 4.66
CA ALA B 288 40.96 42.13 5.86
C ALA B 288 42.39 41.71 5.59
N ASN B 289 42.70 41.19 4.41
CA ASN B 289 44.07 40.85 4.07
C ASN B 289 44.95 42.09 3.99
N GLN B 290 44.40 43.17 3.44
CA GLN B 290 45.19 44.37 3.12
C GLN B 290 44.99 45.51 4.10
N THR B 291 43.76 45.68 4.61
CA THR B 291 43.41 46.93 5.29
C THR B 291 44.11 47.07 6.62
N LEU B 292 43.81 46.19 7.58
CA LEU B 292 44.36 46.28 8.93
C LEU B 292 45.68 45.53 9.08
N ARG B 293 46.48 45.44 8.01
CA ARG B 293 47.74 44.71 8.07
C ARG B 293 48.82 45.57 8.72
N ASN B 294 50.09 45.25 8.48
CA ASN B 294 51.21 45.96 9.09
C ASN B 294 51.29 47.41 8.62
N THR B 295 50.33 48.22 9.02
CA THR B 295 50.24 49.60 8.56
C THR B 295 50.78 50.57 9.61
N TYR B 296 51.27 51.70 9.11
CA TYR B 296 51.72 52.81 9.94
C TYR B 296 50.55 53.45 10.68
N ASP B 297 49.33 53.00 10.39
CA ASP B 297 48.12 53.61 10.93
C ASP B 297 47.07 52.53 11.18
N PRO B 298 47.26 51.71 12.22
CA PRO B 298 46.19 50.78 12.61
C PRO B 298 44.95 51.51 13.11
N GLU B 299 45.08 52.76 13.55
CA GLU B 299 43.94 53.55 13.99
C GLU B 299 43.14 54.08 12.82
N GLN B 300 43.79 54.41 11.71
CA GLN B 300 43.08 54.88 10.52
C GLN B 300 42.77 53.75 9.55
N ALA B 301 43.45 52.61 9.66
CA ALA B 301 43.10 51.47 8.80
C ALA B 301 41.74 50.89 9.17
N ASN B 302 41.22 51.19 10.36
CA ASN B 302 39.83 50.88 10.67
C ASN B 302 38.92 52.08 10.44
N ARG B 303 39.48 53.26 10.21
CA ARG B 303 38.74 54.34 9.58
C ARG B 303 38.47 54.05 8.11
N LEU B 304 39.23 53.14 7.51
CA LEU B 304 39.11 52.74 6.11
C LEU B 304 38.32 51.45 5.94
N PHE B 305 38.57 50.45 6.79
CA PHE B 305 37.85 49.18 6.69
C PHE B 305 36.35 49.38 6.86
N SER B 306 35.95 50.18 7.85
CA SER B 306 34.54 50.42 8.10
C SER B 306 33.95 51.30 7.00
N GLU B 307 34.82 51.77 6.11
CA GLU B 307 34.41 52.52 4.94
C GLU B 307 34.42 51.69 3.66
N ARG B 308 35.24 50.64 3.59
CA ARG B 308 35.20 49.69 2.48
C ARG B 308 34.23 48.55 2.71
N LEU B 309 33.71 48.41 3.92
CA LEU B 309 32.62 47.48 4.20
C LEU B 309 31.26 48.17 4.18
N ARG B 310 31.21 49.46 4.47
CA ARG B 310 30.01 50.25 4.23
C ARG B 310 29.66 50.28 2.75
N ALA B 311 30.60 49.95 1.88
CA ALA B 311 30.36 49.88 0.44
C ALA B 311 30.06 48.49 -0.06
N LEU B 312 30.67 47.45 0.54
CA LEU B 312 30.34 46.08 0.15
C LEU B 312 28.92 45.72 0.60
N SER B 313 28.52 46.20 1.78
CA SER B 313 27.15 46.01 2.21
C SER B 313 26.15 46.86 1.44
N GLN B 314 26.64 47.78 0.58
CA GLN B 314 25.77 48.42 -0.38
C GLN B 314 25.55 47.53 -1.60
N ALA B 315 26.50 46.64 -1.89
CA ALA B 315 26.37 45.68 -2.98
C ALA B 315 25.46 44.50 -2.64
N HIS B 316 24.81 44.54 -1.48
CA HIS B 316 23.83 43.53 -1.10
C HIS B 316 22.40 44.00 -1.20
N ASP B 317 22.15 45.31 -1.12
CA ASP B 317 20.79 45.84 -1.11
C ASP B 317 20.25 46.14 -2.50
N MET B 318 21.12 46.30 -3.50
CA MET B 318 20.65 46.49 -4.87
C MET B 318 19.87 45.27 -5.34
N LEU B 319 20.16 44.10 -4.79
CA LEU B 319 19.47 42.86 -5.12
C LEU B 319 18.17 42.68 -4.35
N LEU B 320 17.58 43.77 -3.86
CA LEU B 320 16.33 43.72 -3.13
C LEU B 320 15.18 44.42 -3.84
N LYS B 321 15.46 45.42 -4.69
CA LYS B 321 14.43 45.92 -5.57
C LYS B 321 14.01 44.87 -6.60
N GLU B 322 14.93 43.99 -6.97
CA GLU B 322 14.66 42.84 -7.82
C GLU B 322 15.13 41.58 -7.10
N ASN B 323 14.30 40.54 -7.11
CA ASN B 323 14.58 39.31 -6.39
C ASN B 323 15.87 38.67 -6.89
N TRP B 324 17.01 39.22 -6.47
CA TRP B 324 18.33 38.81 -6.94
C TRP B 324 18.36 38.63 -8.45
N ALA B 325 17.54 39.41 -9.17
CA ALA B 325 17.50 39.32 -10.61
C ALA B 325 18.61 40.18 -11.19
N GLY B 326 19.79 40.12 -10.57
CA GLY B 326 20.88 40.98 -10.92
C GLY B 326 20.54 42.44 -10.61
N ALA B 327 21.08 43.32 -11.42
CA ALA B 327 20.81 44.75 -11.29
C ALA B 327 21.11 45.41 -12.63
N THR B 328 20.77 46.70 -12.71
CA THR B 328 21.07 47.49 -13.89
C THR B 328 22.31 48.32 -13.63
N ILE B 329 23.22 48.37 -14.61
CA ILE B 329 24.38 49.24 -14.51
C ILE B 329 23.97 50.67 -14.23
N GLN B 330 22.78 51.06 -14.72
CA GLN B 330 22.28 52.41 -14.49
C GLN B 330 22.00 52.65 -13.01
N GLN B 331 21.67 51.60 -12.26
CA GLN B 331 21.42 51.73 -10.83
C GLN B 331 22.70 51.57 -10.00
N ILE B 332 23.59 50.66 -10.43
CA ILE B 332 24.82 50.44 -9.69
C ILE B 332 25.76 51.63 -9.83
N CYS B 333 25.79 52.26 -11.00
CA CYS B 333 26.61 53.45 -11.18
C CYS B 333 26.10 54.61 -10.34
N ALA B 334 24.87 54.53 -9.84
CA ALA B 334 24.35 55.43 -8.83
C ALA B 334 24.49 54.89 -7.42
N THR B 335 24.55 53.57 -7.27
CA THR B 335 24.63 52.97 -5.94
C THR B 335 25.93 53.36 -5.24
N ALA B 336 27.07 53.01 -5.83
CA ALA B 336 28.35 53.17 -5.17
C ALA B 336 28.97 54.55 -5.36
N LEU B 337 28.47 55.34 -6.31
CA LEU B 337 29.08 56.63 -6.64
C LEU B 337 28.15 57.80 -6.35
N ALA B 338 27.15 57.60 -5.49
CA ALA B 338 26.32 58.70 -4.98
C ALA B 338 26.93 59.34 -3.74
N PRO B 339 27.57 58.58 -2.83
CA PRO B 339 28.29 59.25 -1.74
C PRO B 339 29.35 60.21 -2.22
N PHE B 340 30.10 59.85 -3.27
CA PHE B 340 31.06 60.79 -3.85
C PHE B 340 30.36 62.03 -4.38
N ASN B 341 29.23 61.85 -5.05
CA ASN B 341 28.51 62.95 -5.68
C ASN B 341 27.93 63.95 -4.68
N SER B 342 28.09 63.71 -3.38
CA SER B 342 27.75 64.73 -2.39
C SER B 342 28.74 65.89 -2.48
N THR B 343 30.02 65.59 -2.29
CA THR B 343 31.06 66.62 -2.36
C THR B 343 31.35 67.03 -3.80
N PHE B 344 31.40 66.05 -4.71
CA PHE B 344 31.74 66.32 -6.11
C PHE B 344 30.47 66.28 -6.97
N ALA B 345 29.55 67.19 -6.64
CA ALA B 345 28.26 67.23 -7.32
C ALA B 345 28.44 67.59 -8.79
N ASN B 346 27.96 66.71 -9.67
CA ASN B 346 28.05 66.89 -11.12
C ASN B 346 29.49 67.07 -11.58
N ARG B 347 30.35 66.15 -11.12
CA ARG B 347 31.69 66.01 -11.66
C ARG B 347 32.00 64.58 -12.08
N ILE B 348 31.02 63.68 -11.99
CA ILE B 348 31.15 62.30 -12.45
C ILE B 348 29.99 62.03 -13.40
N HIS B 349 30.31 61.56 -14.61
CA HIS B 349 29.33 61.41 -15.67
C HIS B 349 29.18 59.95 -16.05
N MET B 350 27.93 59.51 -16.20
CA MET B 350 27.61 58.12 -16.51
C MET B 350 26.86 58.08 -17.83
N SER B 351 27.33 57.25 -18.76
CA SER B 351 26.76 57.18 -20.09
C SER B 351 26.68 55.73 -20.54
N GLY B 352 25.50 55.30 -20.95
CA GLY B 352 25.30 53.95 -21.43
C GLY B 352 23.84 53.54 -21.45
N PRO B 353 23.55 52.36 -21.97
CA PRO B 353 22.16 51.88 -22.01
C PRO B 353 21.71 51.32 -20.67
N HIS B 354 20.39 51.23 -20.54
CA HIS B 354 19.74 50.53 -19.42
C HIS B 354 19.99 49.04 -19.60
N LEU B 355 20.91 48.48 -18.82
CA LEU B 355 21.37 47.12 -19.08
C LEU B 355 21.03 46.18 -17.93
N LEU B 356 21.67 45.01 -17.91
CA LEU B 356 21.39 43.96 -16.95
C LEU B 356 22.66 43.15 -16.74
N VAL B 357 22.91 42.77 -15.49
CA VAL B 357 24.15 42.09 -15.11
C VAL B 357 23.85 41.13 -13.97
N SER B 358 24.46 39.95 -14.02
CA SER B 358 24.21 38.93 -13.00
C SER B 358 24.70 39.41 -11.63
N ASP B 359 24.08 38.86 -10.59
CA ASP B 359 24.27 39.38 -9.24
C ASP B 359 25.62 39.00 -8.64
N ARG B 360 26.27 37.94 -9.13
CA ARG B 360 27.64 37.66 -8.70
C ARG B 360 28.65 38.57 -9.40
N VAL B 361 28.18 39.45 -10.29
CA VAL B 361 29.04 40.48 -10.86
C VAL B 361 28.68 41.85 -10.30
N THR B 362 27.42 42.07 -9.91
CA THR B 362 27.03 43.32 -9.26
C THR B 362 27.76 43.56 -7.96
N VAL B 363 28.33 42.51 -7.35
CA VAL B 363 29.12 42.67 -6.13
C VAL B 363 30.52 43.14 -6.45
N ALA B 364 31.22 42.41 -7.32
CA ALA B 364 32.52 42.85 -7.81
C ALA B 364 32.45 44.15 -8.59
N LEU B 365 31.24 44.64 -8.87
CA LEU B 365 31.07 45.94 -9.53
C LEU B 365 31.11 47.07 -8.51
N SER B 366 30.12 47.12 -7.60
CA SER B 366 30.03 48.18 -6.61
C SER B 366 31.24 48.25 -5.69
N LEU B 367 32.13 47.25 -5.74
CA LEU B 367 33.44 47.37 -5.08
C LEU B 367 34.45 48.04 -6.01
N ALA B 368 34.57 47.55 -7.24
CA ALA B 368 35.48 48.16 -8.21
C ALA B 368 35.10 49.60 -8.50
N PHE B 369 33.79 49.88 -8.56
CA PHE B 369 33.33 51.26 -8.60
C PHE B 369 33.84 52.06 -7.41
N TYR B 370 33.51 51.60 -6.21
CA TYR B 370 33.89 52.33 -5.00
C TYR B 370 35.41 52.37 -4.83
N GLU B 371 36.11 51.31 -5.23
CA GLU B 371 37.56 51.28 -5.08
C GLU B 371 38.24 52.23 -6.06
N LEU B 372 37.84 52.17 -7.33
CA LEU B 372 38.47 53.00 -8.35
C LEU B 372 38.20 54.48 -8.10
N ALA B 373 36.99 54.81 -7.64
CA ALA B 373 36.69 56.20 -7.33
C ALA B 373 37.52 56.69 -6.15
N THR B 374 37.75 55.82 -5.17
CA THR B 374 38.67 56.14 -4.08
C THR B 374 40.07 56.40 -4.61
N ASN B 375 40.51 55.62 -5.61
CA ASN B 375 41.80 55.86 -6.25
C ASN B 375 41.81 57.20 -6.96
N ALA B 376 40.65 57.64 -7.48
CA ALA B 376 40.58 58.92 -8.17
C ALA B 376 40.72 60.09 -7.22
N VAL B 377 40.31 59.92 -5.96
CA VAL B 377 40.42 61.02 -4.99
C VAL B 377 41.84 61.12 -4.44
N LYS B 378 42.53 59.99 -4.26
CA LYS B 378 43.91 60.02 -3.81
C LYS B 378 44.83 60.54 -4.91
N TYR B 379 45.07 59.71 -5.92
CA TYR B 379 46.11 59.98 -6.91
C TYR B 379 45.57 60.65 -8.17
N GLY B 380 44.32 60.39 -8.53
CA GLY B 380 43.81 60.64 -9.87
C GLY B 380 43.02 61.92 -10.01
N ALA B 381 41.93 61.85 -10.79
CA ALA B 381 41.30 63.06 -11.30
C ALA B 381 40.29 63.67 -10.34
N LEU B 382 39.71 62.87 -9.44
CA LEU B 382 38.76 63.39 -8.46
C LEU B 382 39.44 64.06 -7.27
N SER B 383 40.71 64.46 -7.43
CA SER B 383 41.49 65.05 -6.36
C SER B 383 41.51 66.58 -6.43
N ASN B 384 41.74 67.14 -7.62
CA ASN B 384 41.82 68.59 -7.76
C ASN B 384 40.42 69.21 -7.83
N GLU B 385 40.35 70.46 -8.28
CA GLU B 385 39.10 71.21 -8.26
C GLU B 385 38.24 70.98 -9.49
N LYS B 386 38.85 70.82 -10.66
CA LYS B 386 38.10 70.74 -11.91
C LYS B 386 38.30 69.41 -12.62
N GLY B 387 38.54 68.34 -11.86
CA GLY B 387 38.61 67.02 -12.46
C GLY B 387 37.22 66.42 -12.68
N VAL B 388 37.13 65.56 -13.69
CA VAL B 388 35.87 64.90 -14.03
C VAL B 388 36.15 63.46 -14.42
N ILE B 389 35.14 62.61 -14.24
CA ILE B 389 35.25 61.17 -14.45
C ILE B 389 34.18 60.77 -15.47
N ASN B 390 34.62 60.13 -16.55
CA ASN B 390 33.74 59.78 -17.67
C ASN B 390 33.59 58.27 -17.72
N ILE B 391 32.35 57.79 -17.63
CA ILE B 391 32.04 56.37 -17.65
C ILE B 391 31.11 56.12 -18.83
N THR B 392 31.64 55.52 -19.89
CA THR B 392 30.87 55.16 -21.07
C THR B 392 30.87 53.65 -21.25
N TRP B 393 29.71 53.10 -21.60
CA TRP B 393 29.60 51.68 -21.89
C TRP B 393 28.57 51.47 -22.98
N ALA B 394 28.84 50.53 -23.89
CA ALA B 394 27.99 50.29 -25.03
C ALA B 394 28.25 48.90 -25.58
N ILE B 395 27.19 48.23 -26.04
CA ILE B 395 27.30 46.89 -26.61
C ILE B 395 27.65 47.03 -28.09
N MET B 396 28.76 46.41 -28.49
CA MET B 396 29.20 46.47 -29.89
C MET B 396 29.79 45.12 -30.26
N GLU B 397 30.60 45.09 -31.31
CA GLU B 397 31.12 43.84 -31.85
C GLU B 397 32.48 44.06 -32.50
N ASP B 398 33.23 42.97 -32.63
CA ASP B 398 34.48 42.99 -33.38
C ASP B 398 34.66 41.65 -34.10
N LYS B 399 35.00 40.60 -33.35
CA LYS B 399 35.19 39.27 -33.93
C LYS B 399 33.89 38.49 -34.09
N GLY B 400 32.83 39.14 -34.58
CA GLY B 400 31.58 38.49 -34.89
C GLY B 400 30.59 38.42 -33.74
N GLU B 401 31.07 38.39 -32.51
CA GLU B 401 30.19 38.24 -31.34
C GLU B 401 29.41 39.53 -31.13
N LYS B 402 28.67 39.59 -30.02
CA LYS B 402 27.96 40.79 -29.56
C LYS B 402 28.49 41.08 -28.15
N LYS B 403 29.70 41.63 -28.08
CA LYS B 403 30.42 41.70 -26.83
C LYS B 403 30.10 42.98 -26.07
N PHE B 404 30.74 43.16 -24.92
CA PHE B 404 30.47 44.25 -24.00
C PHE B 404 31.70 45.12 -23.83
N HIS B 405 31.50 46.42 -23.69
CA HIS B 405 32.58 47.39 -23.62
C HIS B 405 32.23 48.51 -22.65
N MET B 406 33.24 49.01 -21.95
CA MET B 406 33.06 50.12 -21.01
C MET B 406 34.40 50.80 -20.81
N ARG B 407 34.35 52.10 -20.48
CA ARG B 407 35.55 52.91 -20.31
C ARG B 407 35.47 53.72 -19.02
N TRP B 408 36.52 53.64 -18.22
CA TRP B 408 36.75 54.57 -17.11
C TRP B 408 37.75 55.62 -17.56
N ALA B 409 37.27 56.81 -17.88
CA ALA B 409 38.10 57.89 -18.38
C ALA B 409 38.15 59.01 -17.34
N GLU B 410 39.37 59.42 -16.98
CA GLU B 410 39.59 60.46 -15.99
C GLU B 410 40.14 61.69 -16.71
N SER B 411 39.33 62.72 -16.84
CA SER B 411 39.68 63.92 -17.60
C SER B 411 39.91 65.10 -16.67
N ARG B 412 40.69 66.05 -17.17
CA ARG B 412 40.99 67.30 -16.45
C ARG B 412 41.55 67.04 -15.06
N GLY B 413 42.36 65.99 -14.94
CA GLY B 413 42.99 65.68 -13.69
C GLY B 413 44.34 66.34 -13.53
N PRO B 414 45.16 65.85 -12.61
CA PRO B 414 46.58 66.19 -12.62
C PRO B 414 47.39 65.16 -13.39
N GLU B 415 48.49 65.59 -14.01
CA GLU B 415 49.29 64.71 -14.87
C GLU B 415 49.65 63.42 -14.16
N VAL B 416 49.28 62.30 -14.77
CA VAL B 416 49.45 60.98 -14.16
C VAL B 416 50.88 60.53 -14.40
N MET B 417 51.66 60.42 -13.33
CA MET B 417 53.01 59.86 -13.40
C MET B 417 52.93 58.33 -13.47
N GLN B 418 53.99 57.66 -13.04
CA GLN B 418 53.98 56.22 -13.08
C GLN B 418 53.90 55.62 -11.68
N PRO B 419 53.20 54.50 -11.51
CA PRO B 419 53.06 53.90 -10.18
C PRO B 419 54.33 53.15 -9.78
N ALA B 420 54.80 53.40 -8.57
CA ALA B 420 55.93 52.68 -8.01
C ALA B 420 55.53 51.38 -7.32
N ARG B 421 54.23 51.10 -7.21
CA ARG B 421 53.73 49.85 -6.69
C ARG B 421 52.59 49.38 -7.58
N ARG B 422 51.92 48.29 -7.17
CA ARG B 422 50.75 47.74 -7.86
C ARG B 422 49.83 47.17 -6.78
N GLY B 423 49.09 48.06 -6.13
CA GLY B 423 48.40 47.73 -4.89
C GLY B 423 47.17 46.85 -5.00
N PHE B 424 46.23 47.09 -4.09
CA PHE B 424 45.07 46.20 -3.95
C PHE B 424 44.16 46.28 -5.17
N GLY B 425 43.94 47.48 -5.71
CA GLY B 425 43.07 47.61 -6.86
C GLY B 425 43.64 47.02 -8.13
N GLN B 426 44.94 47.23 -8.36
CA GLN B 426 45.58 46.78 -9.60
C GLN B 426 45.55 45.26 -9.77
N ARG B 427 45.17 44.52 -8.74
CA ARG B 427 44.84 43.10 -8.88
C ARG B 427 43.39 42.79 -8.53
N LEU B 428 42.72 43.66 -7.77
CA LEU B 428 41.27 43.63 -7.70
C LEU B 428 40.65 43.82 -9.08
N LEU B 429 41.40 44.39 -10.02
CA LEU B 429 40.95 44.70 -11.36
C LEU B 429 41.29 43.59 -12.36
N HIS B 430 42.55 43.16 -12.38
CA HIS B 430 42.95 42.15 -13.36
C HIS B 430 42.49 40.75 -12.98
N SER B 431 42.30 40.48 -11.69
CA SER B 431 42.12 39.11 -11.23
C SER B 431 40.72 38.79 -10.72
N VAL B 432 40.00 39.74 -10.14
CA VAL B 432 38.64 39.46 -9.68
C VAL B 432 37.67 40.44 -10.31
N LEU B 433 37.99 40.90 -11.53
CA LEU B 433 37.06 41.65 -12.35
C LEU B 433 37.09 41.09 -13.77
N ALA B 434 38.27 40.62 -14.21
CA ALA B 434 38.35 39.91 -15.47
C ALA B 434 37.76 38.50 -15.35
N GLU B 435 37.92 37.87 -14.20
CA GLU B 435 37.33 36.56 -13.93
C GLU B 435 35.89 36.65 -13.46
N GLU B 436 35.25 37.80 -13.62
CA GLU B 436 33.83 37.96 -13.35
C GLU B 436 33.04 38.25 -14.61
N LEU B 437 33.72 38.44 -15.75
CA LEU B 437 33.06 38.70 -17.02
C LEU B 437 33.53 37.82 -18.15
N LYS B 438 34.53 36.96 -17.93
CA LYS B 438 35.35 36.40 -19.00
C LYS B 438 35.99 37.52 -19.81
N ALA B 439 36.49 38.53 -19.10
CA ALA B 439 36.84 39.80 -19.69
C ALA B 439 38.33 39.86 -20.05
N LYS B 440 38.65 40.77 -20.97
CA LYS B 440 40.01 41.10 -21.37
C LYS B 440 40.25 42.54 -20.96
N CYS B 441 40.91 42.74 -19.83
CA CYS B 441 40.98 44.04 -19.18
C CYS B 441 42.29 44.75 -19.50
N ASP B 442 42.25 46.09 -19.43
CA ASP B 442 43.37 46.92 -19.84
C ASP B 442 43.41 48.20 -19.01
N VAL B 443 44.63 48.68 -18.76
CA VAL B 443 44.87 49.93 -18.05
C VAL B 443 46.08 50.62 -18.66
N GLU B 444 45.94 51.89 -19.00
CA GLU B 444 47.06 52.71 -19.45
C GLU B 444 47.18 53.94 -18.56
N PHE B 445 48.39 54.21 -18.09
CA PHE B 445 48.66 55.38 -17.25
C PHE B 445 49.08 56.56 -18.13
N ALA B 446 48.13 57.00 -18.97
CA ALA B 446 48.40 58.12 -19.85
C ALA B 446 48.60 59.39 -19.04
N ALA B 447 49.46 60.27 -19.55
CA ALA B 447 49.75 61.53 -18.86
C ALA B 447 48.52 62.40 -18.72
N SER B 448 47.54 62.24 -19.62
CA SER B 448 46.32 63.03 -19.54
C SER B 448 45.42 62.54 -18.41
N GLY B 449 45.10 61.25 -18.40
CA GLY B 449 44.23 60.71 -17.38
C GLY B 449 44.24 59.20 -17.35
N LEU B 450 43.57 58.65 -16.35
CA LEU B 450 43.49 57.20 -16.18
C LEU B 450 42.62 56.60 -17.28
N LEU B 451 43.21 55.73 -18.08
CA LEU B 451 42.51 55.04 -19.15
C LEU B 451 42.33 53.58 -18.77
N ILE B 452 41.08 53.13 -18.67
CA ILE B 452 40.76 51.76 -18.29
C ILE B 452 39.74 51.23 -19.29
N ASP B 453 40.08 50.13 -19.97
CA ASP B 453 39.25 49.53 -20.99
C ASP B 453 38.89 48.11 -20.59
N VAL B 454 37.65 47.71 -20.87
CA VAL B 454 37.16 46.38 -20.54
C VAL B 454 36.41 45.82 -21.73
N LEU B 455 36.49 44.51 -21.92
CA LEU B 455 35.89 43.83 -23.05
C LEU B 455 35.42 42.46 -22.59
N ALA B 456 34.10 42.20 -22.69
CA ALA B 456 33.51 41.00 -22.11
C ALA B 456 32.53 40.33 -23.07
N PRO B 457 32.79 39.08 -23.44
CA PRO B 457 31.81 38.34 -24.27
C PRO B 457 30.52 38.08 -23.50
N ILE B 458 29.44 37.92 -24.26
CA ILE B 458 28.13 37.67 -23.67
C ILE B 458 27.98 36.17 -23.38
N THR B 459 27.97 35.82 -22.10
CA THR B 459 27.59 34.50 -21.64
C THR B 459 26.67 34.72 -20.45
N PRO B 460 25.36 34.49 -20.63
CA PRO B 460 24.36 34.99 -19.65
C PRO B 460 24.56 34.63 -18.19
N GLU B 461 25.71 34.09 -17.81
CA GLU B 461 26.12 34.21 -16.42
C GLU B 461 26.73 35.57 -16.12
N VAL B 462 26.82 36.43 -17.14
CA VAL B 462 27.32 37.79 -17.00
C VAL B 462 26.28 38.76 -17.55
N PHE B 463 25.51 38.31 -18.55
CA PHE B 463 24.54 39.16 -19.25
C PHE B 463 23.25 38.40 -19.46
N PRO B 464 22.34 38.44 -18.46
CA PRO B 464 21.04 37.77 -18.57
C PRO B 464 20.20 38.28 -19.75
#